data_2CKQ
#
_entry.id   2CKQ
#
_cell.length_a   52.500
_cell.length_b   128.300
_cell.length_c   172.200
_cell.angle_alpha   90.00
_cell.angle_beta   90.00
_cell.angle_gamma   90.00
#
_symmetry.space_group_name_H-M   'P 21 21 21'
#
loop_
_entity.id
_entity.type
_entity.pdbx_description
1 polymer 'CHOLINE KINASE ALPHA'
2 non-polymer PHOSPHOCHOLINE
3 water water
#
_entity_poly.entity_id   1
_entity_poly.type   'polypeptide(L)'
_entity_poly.pdbx_seq_one_letter_code
;GQQPPLALPPPPPLPLPLPLPQPPPPQPPADEQPEPRTRRRAYLWCKEFLPGAWRGLREDEFHISVIRGGLSNMLFQCSL
PDTTATLGDEPRKVLLRLYGAILQVGAEAMVLESVMFAILAERSLGPKLYGIFPQGRLEQFIPSRRLDTEELSLPDISAE
IAEKMATFHGMKMPFNKEPKWLFGTMEKYLKEVLRIKFTEESRIKKLHKLLSYNLPLELENLRSLLESTPSPVVFCHNDC
QEGNILLLEGRENSEKQKLMLIDFEYSSYNYRGFDIGNHFCEWMYDYSYEKYPFFRANIRKYPTKKQQLHFISSYLPAFQ
NDFENLSTEEKSIIKEEMLLEVNRFALASHFLWGLWSIVQAKISSIEFGYMDYAQARFDAYFHQKRKLGV
;
_entity_poly.pdbx_strand_id   A,B
#
# COMPACT_ATOMS: atom_id res chain seq x y z
N PRO A 36 -19.59 15.55 8.82
CA PRO A 36 -20.30 16.65 9.56
C PRO A 36 -20.52 16.26 11.03
N ARG A 37 -19.48 16.47 11.85
CA ARG A 37 -19.49 16.06 13.28
C ARG A 37 -18.44 16.77 14.14
N THR A 38 -18.00 17.96 13.70
CA THR A 38 -16.94 18.75 14.37
C THR A 38 -15.50 18.18 14.23
N ARG A 39 -15.36 17.10 13.45
CA ARG A 39 -14.05 16.55 13.09
C ARG A 39 -13.50 17.24 11.84
N ARG A 40 -12.80 18.36 12.05
CA ARG A 40 -12.23 19.17 10.97
C ARG A 40 -10.89 18.62 10.45
N ARG A 41 -10.65 17.35 10.78
CA ARG A 41 -9.54 16.58 10.24
C ARG A 41 -9.70 16.39 8.74
N ALA A 42 -10.96 16.29 8.29
CA ALA A 42 -11.31 16.17 6.87
C ALA A 42 -10.85 17.39 6.05
N TYR A 43 -10.98 18.57 6.63
CA TYR A 43 -10.51 19.81 6.03
C TYR A 43 -8.98 19.84 5.87
N LEU A 44 -8.29 19.42 6.93
CA LEU A 44 -6.82 19.44 6.98
C LEU A 44 -6.23 18.37 6.06
N TRP A 45 -6.88 17.21 6.05
CA TRP A 45 -6.53 16.13 5.12
C TRP A 45 -6.62 16.61 3.68
N CYS A 46 -7.72 17.26 3.34
CA CYS A 46 -7.92 17.79 1.99
C CYS A 46 -6.94 18.91 1.66
N LYS A 47 -6.65 19.76 2.65
CA LYS A 47 -5.79 20.93 2.44
C LYS A 47 -4.35 20.54 2.15
N GLU A 48 -3.84 19.55 2.89
CA GLU A 48 -2.45 19.15 2.79
C GLU A 48 -2.18 18.09 1.72
N PHE A 49 -3.21 17.34 1.32
CA PHE A 49 -3.05 16.24 0.36
C PHE A 49 -3.47 16.57 -1.06
N LEU A 50 -4.35 17.57 -1.21
CA LEU A 50 -4.86 17.92 -2.53
C LEU A 50 -4.17 19.16 -3.09
N PRO A 51 -3.93 19.22 -4.43
CA PRO A 51 -3.26 20.36 -5.08
C PRO A 51 -4.18 21.56 -5.36
N GLY A 52 -3.58 22.66 -5.83
CA GLY A 52 -4.33 23.86 -6.24
C GLY A 52 -5.13 24.57 -5.16
N ALA A 53 -6.37 24.91 -5.51
CA ALA A 53 -7.27 25.68 -4.63
C ALA A 53 -7.43 25.11 -3.22
N TRP A 54 -7.21 23.80 -3.08
CA TRP A 54 -7.33 23.09 -1.81
C TRP A 54 -6.23 23.49 -0.84
N ARG A 55 -5.02 23.70 -1.37
CA ARG A 55 -3.89 24.20 -0.58
C ARG A 55 -4.23 25.62 -0.14
N GLY A 56 -4.22 25.86 1.17
CA GLY A 56 -4.55 27.19 1.70
C GLY A 56 -6.01 27.60 1.60
N LEU A 57 -6.90 26.63 1.37
CA LEU A 57 -8.35 26.84 1.41
C LEU A 57 -8.77 27.07 2.86
N ARG A 58 -9.53 28.14 3.09
CA ARG A 58 -9.93 28.54 4.44
C ARG A 58 -10.97 27.59 5.06
N GLU A 59 -10.80 27.30 6.35
CA GLU A 59 -11.62 26.32 7.07
C GLU A 59 -13.12 26.52 6.87
N ASP A 60 -13.57 27.77 6.89
CA ASP A 60 -14.99 28.09 6.77
C ASP A 60 -15.56 27.85 5.37
N GLU A 61 -14.69 27.77 4.37
CA GLU A 61 -15.11 27.54 2.98
C GLU A 61 -15.02 26.07 2.55
N PHE A 62 -15.12 25.16 3.52
CA PHE A 62 -14.99 23.72 3.29
C PHE A 62 -16.35 23.01 3.39
N HIS A 63 -16.73 22.32 2.30
CA HIS A 63 -18.01 21.61 2.25
C HIS A 63 -17.87 20.10 2.41
N ILE A 64 -18.40 19.58 3.52
CA ILE A 64 -18.40 18.15 3.81
C ILE A 64 -19.77 17.64 4.27
N SER A 65 -20.24 16.55 3.65
CA SER A 65 -21.47 15.87 4.04
C SER A 65 -21.33 14.34 3.96
N VAL A 66 -22.09 13.63 4.78
CA VAL A 66 -22.04 12.16 4.87
C VAL A 66 -22.73 11.49 3.70
N ILE A 67 -22.29 10.28 3.34
CA ILE A 67 -22.98 9.49 2.33
C ILE A 67 -23.38 8.14 2.94
N ARG A 68 -24.69 7.93 3.05
CA ARG A 68 -25.24 6.74 3.71
C ARG A 68 -25.10 5.54 2.79
N GLY A 69 -25.09 4.35 3.37
CA GLY A 69 -25.06 3.11 2.60
C GLY A 69 -24.23 1.97 3.17
N GLY A 70 -22.95 2.24 3.43
CA GLY A 70 -22.03 1.23 3.92
C GLY A 70 -22.30 0.77 5.34
N LEU A 71 -21.98 -0.50 5.59
CA LEU A 71 -22.18 -1.11 6.91
C LEU A 71 -20.87 -1.38 7.65
N SER A 72 -19.73 -1.06 7.00
CA SER A 72 -18.40 -1.19 7.61
C SER A 72 -17.76 0.20 7.81
N ASN A 73 -17.70 0.97 6.72
CA ASN A 73 -16.93 2.21 6.66
C ASN A 73 -17.83 3.43 6.50
N MET A 74 -17.32 4.57 6.97
CA MET A 74 -17.92 5.90 6.78
C MET A 74 -17.51 6.49 5.45
N LEU A 75 -18.38 7.25 4.83
CA LEU A 75 -18.05 7.92 3.58
C LEU A 75 -18.56 9.36 3.58
N PHE A 76 -17.74 10.26 3.04
CA PHE A 76 -18.07 11.68 3.01
C PHE A 76 -17.66 12.27 1.68
N GLN A 77 -18.45 13.24 1.21
CA GLN A 77 -18.08 14.04 0.06
C GLN A 77 -17.43 15.36 0.50
N CYS A 78 -16.30 15.70 -0.13
CA CYS A 78 -15.62 16.95 0.13
C CYS A 78 -15.52 17.77 -1.15
N SER A 79 -15.97 19.02 -1.10
CA SER A 79 -15.99 19.87 -2.29
C SER A 79 -15.53 21.32 -2.06
N LEU A 80 -15.01 21.93 -3.12
CA LEU A 80 -14.71 23.35 -3.14
C LEU A 80 -16.02 24.08 -3.35
N PRO A 81 -16.14 25.33 -2.85
CA PRO A 81 -17.37 26.10 -3.15
C PRO A 81 -17.49 26.37 -4.65
N ASP A 82 -18.73 26.30 -5.16
CA ASP A 82 -19.00 26.44 -6.60
C ASP A 82 -18.39 27.71 -7.22
N THR A 83 -18.25 28.75 -6.40
CA THR A 83 -17.67 30.03 -6.81
C THR A 83 -16.15 29.93 -7.00
N THR A 84 -15.48 29.17 -6.13
CA THR A 84 -14.04 28.92 -6.26
C THR A 84 -13.80 27.86 -7.32
N ALA A 85 -13.13 28.26 -8.40
CA ALA A 85 -12.87 27.36 -9.51
C ALA A 85 -11.50 27.62 -10.12
N THR A 86 -10.55 26.75 -9.78
CA THR A 86 -9.16 26.93 -10.18
C THR A 86 -8.78 26.07 -11.39
N LEU A 87 -7.80 26.58 -12.14
CA LEU A 87 -7.22 25.89 -13.29
C LEU A 87 -6.09 24.96 -12.86
N GLY A 88 -6.13 23.75 -13.41
CA GLY A 88 -5.17 22.70 -13.13
C GLY A 88 -5.84 21.36 -13.35
N ASP A 89 -5.11 20.30 -13.05
CA ASP A 89 -5.65 18.94 -13.10
C ASP A 89 -6.64 18.68 -11.95
N GLU A 90 -6.46 19.40 -10.84
CA GLU A 90 -7.14 19.09 -9.57
C GLU A 90 -8.69 19.06 -9.65
N PRO A 91 -9.31 18.14 -8.89
CA PRO A 91 -10.77 17.98 -8.85
C PRO A 91 -11.48 18.95 -7.90
N ARG A 92 -12.70 19.34 -8.27
CA ARG A 92 -13.53 20.19 -7.43
C ARG A 92 -14.19 19.39 -6.30
N LYS A 93 -14.15 18.07 -6.42
CA LYS A 93 -14.93 17.15 -5.58
C LYS A 93 -14.17 15.84 -5.34
N VAL A 94 -14.08 15.44 -4.08
CA VAL A 94 -13.42 14.17 -3.69
C VAL A 94 -14.24 13.39 -2.65
N LEU A 95 -13.83 12.15 -2.40
CA LEU A 95 -14.45 11.36 -1.35
C LEU A 95 -13.50 11.10 -0.20
N LEU A 96 -14.05 11.04 1.01
CA LEU A 96 -13.26 10.67 2.17
C LEU A 96 -13.84 9.43 2.83
N ARG A 97 -13.05 8.36 2.84
CA ARG A 97 -13.47 7.09 3.41
C ARG A 97 -12.64 6.77 4.64
N LEU A 98 -13.32 6.54 5.76
CA LEU A 98 -12.66 6.17 7.01
C LEU A 98 -12.97 4.72 7.38
N TYR A 99 -11.92 3.96 7.70
CA TYR A 99 -12.04 2.53 8.04
C TYR A 99 -12.78 2.29 9.36
N GLY A 100 -13.44 1.13 9.44
CA GLY A 100 -14.46 0.83 10.46
C GLY A 100 -14.04 0.42 11.86
N ALA A 101 -13.30 -0.69 11.99
CA ALA A 101 -12.86 -1.23 13.30
C ALA A 101 -12.44 -2.70 13.22
N MET A 110 -5.73 -0.33 7.33
CA MET A 110 -4.43 -0.99 7.31
C MET A 110 -3.89 -1.17 5.89
N VAL A 111 -2.75 -1.87 5.80
CA VAL A 111 -1.90 -1.94 4.61
C VAL A 111 -2.49 -2.67 3.40
N LEU A 112 -3.11 -3.81 3.62
CA LEU A 112 -3.64 -4.60 2.51
C LEU A 112 -4.70 -3.82 1.70
N GLU A 113 -5.59 -3.11 2.37
CA GLU A 113 -6.61 -2.30 1.68
C GLU A 113 -5.99 -1.09 0.98
N SER A 114 -4.98 -0.51 1.63
CA SER A 114 -4.23 0.62 1.06
C SER A 114 -3.56 0.20 -0.23
N VAL A 115 -2.67 -0.79 -0.13
CA VAL A 115 -1.90 -1.29 -1.27
C VAL A 115 -2.81 -1.78 -2.40
N MET A 116 -3.90 -2.46 -2.04
CA MET A 116 -4.88 -2.95 -3.01
C MET A 116 -5.55 -1.82 -3.78
N PHE A 117 -5.96 -0.77 -3.07
CA PHE A 117 -6.58 0.39 -3.70
C PHE A 117 -5.62 1.12 -4.66
N ALA A 118 -4.37 1.25 -4.23
CA ALA A 118 -3.33 1.86 -5.03
C ALA A 118 -3.10 1.10 -6.34
N ILE A 119 -2.90 -0.22 -6.24
CA ILE A 119 -2.67 -1.08 -7.42
C ILE A 119 -3.82 -0.99 -8.41
N LEU A 120 -5.05 -1.13 -7.91
CA LEU A 120 -6.25 -1.02 -8.74
C LEU A 120 -6.42 0.35 -9.36
N ALA A 121 -6.20 1.40 -8.56
CA ALA A 121 -6.07 2.76 -9.09
C ALA A 121 -5.03 2.85 -10.21
N GLU A 122 -3.88 2.19 -10.03
CA GLU A 122 -2.79 2.26 -11.01
C GLU A 122 -3.11 1.54 -12.29
N ARG A 123 -4.00 0.54 -12.21
CA ARG A 123 -4.40 -0.25 -13.37
C ARG A 123 -5.70 0.25 -14.02
N SER A 124 -6.20 1.38 -13.53
CA SER A 124 -7.45 1.98 -14.01
C SER A 124 -8.65 1.07 -13.75
N LEU A 125 -8.57 0.29 -12.69
CA LEU A 125 -9.60 -0.67 -12.34
C LEU A 125 -10.45 -0.15 -11.18
N GLY A 126 -10.04 0.99 -10.63
CA GLY A 126 -10.80 1.69 -9.59
C GLY A 126 -10.68 3.19 -9.73
N PRO A 127 -11.19 3.95 -8.73
CA PRO A 127 -11.04 5.40 -8.72
C PRO A 127 -9.58 5.78 -8.48
N LYS A 128 -9.19 6.99 -8.91
CA LYS A 128 -7.85 7.49 -8.63
C LYS A 128 -7.70 7.76 -7.14
N LEU A 129 -6.48 7.57 -6.65
CA LEU A 129 -6.16 7.77 -5.25
C LEU A 129 -5.50 9.13 -5.08
N TYR A 130 -6.06 9.97 -4.22
CA TYR A 130 -5.52 11.31 -4.02
C TYR A 130 -4.72 11.49 -2.74
N GLY A 131 -5.13 10.76 -1.70
CA GLY A 131 -4.45 10.82 -0.40
C GLY A 131 -4.62 9.51 0.31
N ILE A 132 -3.68 9.21 1.19
CA ILE A 132 -3.68 7.94 1.93
C ILE A 132 -3.00 8.09 3.28
N PHE A 133 -3.72 7.69 4.31
CA PHE A 133 -3.27 7.80 5.69
C PHE A 133 -3.72 6.53 6.43
N PRO A 134 -3.18 6.28 7.65
CA PRO A 134 -3.63 5.08 8.39
C PRO A 134 -5.15 4.99 8.64
N GLN A 135 -5.82 6.14 8.82
CA GLN A 135 -7.24 6.17 9.18
C GLN A 135 -8.20 6.03 7.99
N GLY A 136 -7.71 6.29 6.78
CA GLY A 136 -8.54 6.22 5.58
C GLY A 136 -7.86 6.70 4.32
N ARG A 137 -8.66 7.18 3.37
CA ARG A 137 -8.15 7.65 2.09
C ARG A 137 -8.99 8.74 1.45
N LEU A 138 -8.36 9.50 0.57
CA LEU A 138 -9.04 10.45 -0.29
C LEU A 138 -8.99 9.93 -1.69
N GLU A 139 -10.17 9.71 -2.26
CA GLU A 139 -10.29 9.11 -3.58
C GLU A 139 -11.15 9.94 -4.51
N GLN A 140 -10.94 9.71 -5.80
CA GLN A 140 -11.67 10.37 -6.89
C GLN A 140 -13.17 10.12 -6.76
N PHE A 141 -13.95 11.18 -6.89
CA PHE A 141 -15.38 11.07 -7.01
C PHE A 141 -15.73 10.78 -8.47
N ILE A 142 -16.42 9.67 -8.68
CA ILE A 142 -16.82 9.23 -10.02
C ILE A 142 -18.33 9.44 -10.22
N PRO A 143 -18.70 10.31 -11.19
CA PRO A 143 -20.09 10.46 -11.66
C PRO A 143 -20.77 9.13 -12.02
N SER A 144 -21.69 8.74 -11.14
CA SER A 144 -22.32 7.43 -11.16
C SER A 144 -23.36 7.33 -10.04
N ARG A 145 -23.99 6.16 -9.94
CA ARG A 145 -24.74 5.75 -8.76
C ARG A 145 -24.50 4.27 -8.46
N ARG A 146 -24.81 3.87 -7.24
CA ARG A 146 -24.79 2.46 -6.85
C ARG A 146 -25.99 1.74 -7.46
N LEU A 147 -25.83 0.44 -7.73
CA LEU A 147 -26.93 -0.39 -8.20
C LEU A 147 -27.97 -0.57 -7.10
N ASP A 148 -29.21 -0.81 -7.50
CA ASP A 148 -30.28 -1.23 -6.59
C ASP A 148 -30.28 -2.75 -6.58
N THR A 149 -30.73 -3.32 -5.47
CA THR A 149 -30.87 -4.77 -5.32
C THR A 149 -31.56 -5.45 -6.53
N GLU A 150 -32.73 -4.93 -6.93
CA GLU A 150 -33.52 -5.49 -8.04
C GLU A 150 -32.79 -5.51 -9.39
N GLU A 151 -31.71 -4.73 -9.51
CA GLU A 151 -30.96 -4.62 -10.76
C GLU A 151 -29.93 -5.72 -10.98
N LEU A 152 -29.58 -6.45 -9.93
CA LEU A 152 -28.61 -7.54 -10.00
C LEU A 152 -29.12 -8.65 -10.89
N SER A 153 -30.44 -8.77 -10.95
CA SER A 153 -31.09 -9.83 -11.68
C SER A 153 -31.20 -9.52 -13.17
N LEU A 154 -31.10 -8.25 -13.55
CA LEU A 154 -31.22 -7.87 -14.97
C LEU A 154 -30.08 -8.52 -15.78
N PRO A 155 -30.45 -9.23 -16.87
CA PRO A 155 -29.55 -10.06 -17.67
C PRO A 155 -28.24 -9.39 -18.01
N ASP A 156 -28.30 -8.18 -18.57
CA ASP A 156 -27.11 -7.49 -19.04
C ASP A 156 -26.21 -7.03 -17.91
N ILE A 157 -26.84 -6.58 -16.84
CA ILE A 157 -26.16 -6.23 -15.58
C ILE A 157 -25.46 -7.48 -15.05
N SER A 158 -26.25 -8.51 -14.76
CA SER A 158 -25.71 -9.80 -14.30
C SER A 158 -24.54 -10.31 -15.15
N ALA A 159 -24.71 -10.31 -16.47
CA ALA A 159 -23.65 -10.74 -17.41
C ALA A 159 -22.36 -9.94 -17.21
N GLU A 160 -22.47 -8.60 -17.12
CA GLU A 160 -21.33 -7.73 -16.91
C GLU A 160 -20.63 -7.96 -15.56
N ILE A 161 -21.40 -8.08 -14.48
CA ILE A 161 -20.83 -8.36 -13.16
C ILE A 161 -20.02 -9.65 -13.22
N ALA A 162 -20.62 -10.69 -13.81
CA ALA A 162 -19.95 -11.96 -14.04
C ALA A 162 -18.61 -11.80 -14.74
N GLU A 163 -18.56 -11.03 -15.81
CA GLU A 163 -17.31 -10.81 -16.55
C GLU A 163 -16.30 -9.97 -15.76
N LYS A 164 -16.81 -8.96 -15.08
CA LYS A 164 -16.01 -8.12 -14.20
C LYS A 164 -15.33 -8.98 -13.14
N MET A 165 -16.08 -9.89 -12.55
CA MET A 165 -15.62 -10.77 -11.49
C MET A 165 -14.64 -11.84 -12.02
N ALA A 166 -14.94 -12.40 -13.19
CA ALA A 166 -14.02 -13.32 -13.84
C ALA A 166 -12.63 -12.71 -14.04
N THR A 167 -12.55 -11.49 -14.59
CA THR A 167 -11.24 -10.89 -14.84
C THR A 167 -10.53 -10.49 -13.53
N PHE A 168 -11.28 -9.99 -12.55
CA PHE A 168 -10.68 -9.72 -11.24
CA PHE A 168 -10.80 -9.74 -11.18
C PHE A 168 -10.11 -10.99 -10.60
N HIS A 169 -10.74 -12.15 -10.83
CA HIS A 169 -10.25 -13.43 -10.32
C HIS A 169 -8.95 -13.90 -10.98
N GLY A 170 -8.66 -13.38 -12.16
CA GLY A 170 -7.45 -13.78 -12.92
C GLY A 170 -6.21 -12.95 -12.58
N MET A 171 -6.34 -12.00 -11.64
CA MET A 171 -5.27 -11.11 -11.24
C MET A 171 -4.26 -11.73 -10.29
N LYS A 172 -3.00 -11.38 -10.47
CA LYS A 172 -1.95 -11.73 -9.50
C LYS A 172 -1.77 -10.56 -8.53
N MET A 173 -1.84 -10.84 -7.23
CA MET A 173 -1.69 -9.80 -6.20
C MET A 173 -0.62 -10.19 -5.18
N PRO A 174 0.08 -9.19 -4.59
CA PRO A 174 1.19 -9.50 -3.69
C PRO A 174 0.75 -9.96 -2.30
N PHE A 175 -0.23 -10.85 -2.24
CA PHE A 175 -0.75 -11.34 -0.96
C PHE A 175 -0.62 -12.83 -0.82
N ASN A 176 -0.94 -13.32 0.37
CA ASN A 176 -0.86 -14.72 0.73
C ASN A 176 -1.77 -15.56 -0.16
N LYS A 177 -1.20 -16.52 -0.88
CA LYS A 177 -1.96 -17.31 -1.85
C LYS A 177 -2.76 -18.44 -1.19
N GLU A 178 -2.56 -18.63 0.11
CA GLU A 178 -3.24 -19.68 0.85
C GLU A 178 -4.65 -19.21 1.21
N PRO A 179 -5.66 -20.07 0.97
CA PRO A 179 -7.04 -19.67 1.20
C PRO A 179 -7.40 -19.74 2.68
N LYS A 180 -6.75 -18.93 3.50
CA LYS A 180 -6.99 -18.99 4.93
C LYS A 180 -8.03 -17.95 5.37
N TRP A 181 -8.39 -17.04 4.46
CA TRP A 181 -9.33 -15.98 4.77
C TRP A 181 -10.67 -16.49 5.26
N LEU A 182 -11.26 -17.45 4.54
CA LEU A 182 -12.63 -17.87 4.81
C LEU A 182 -12.87 -18.40 6.23
N PHE A 183 -12.17 -19.47 6.60
CA PHE A 183 -12.38 -20.03 7.93
C PHE A 183 -11.60 -19.33 9.03
N GLY A 184 -10.48 -18.69 8.68
CA GLY A 184 -9.75 -17.83 9.61
C GLY A 184 -10.62 -16.68 10.10
N THR A 185 -11.30 -16.01 9.18
CA THR A 185 -12.23 -14.93 9.50
C THR A 185 -13.44 -15.38 10.35
N MET A 186 -14.04 -16.51 9.98
CA MET A 186 -15.18 -17.08 10.70
C MET A 186 -14.78 -17.53 12.10
N GLU A 187 -13.58 -18.07 12.27
CA GLU A 187 -13.10 -18.44 13.62
C GLU A 187 -12.87 -17.21 14.47
N LYS A 188 -12.27 -16.18 13.86
CA LYS A 188 -12.04 -14.87 14.46
C LYS A 188 -13.33 -14.21 14.95
N TYR A 189 -14.38 -14.18 14.12
CA TYR A 189 -15.68 -13.65 14.59
C TYR A 189 -16.36 -14.54 15.63
N LEU A 190 -16.29 -15.85 15.40
CA LEU A 190 -16.93 -16.82 16.30
C LEU A 190 -16.38 -16.71 17.74
N LYS A 191 -15.06 -16.58 17.88
CA LYS A 191 -14.43 -16.32 19.19
C LYS A 191 -15.01 -15.09 19.87
N GLU A 192 -15.26 -14.03 19.08
CA GLU A 192 -15.81 -12.79 19.62
C GLU A 192 -17.25 -13.01 20.02
N VAL A 193 -18.02 -13.58 19.11
CA VAL A 193 -19.43 -13.90 19.34
C VAL A 193 -19.66 -14.67 20.63
N LEU A 194 -18.87 -15.73 20.85
CA LEU A 194 -18.98 -16.56 22.06
C LEU A 194 -18.60 -15.81 23.33
N ARG A 195 -17.88 -14.68 23.20
CA ARG A 195 -17.53 -13.86 24.36
C ARG A 195 -18.62 -12.83 24.70
N ILE A 196 -19.25 -12.21 23.69
CA ILE A 196 -20.09 -11.02 23.90
C ILE A 196 -21.37 -11.27 24.70
N LYS A 197 -21.72 -10.31 25.55
CA LYS A 197 -22.98 -10.33 26.30
C LYS A 197 -23.66 -8.96 26.16
N PHE A 198 -24.98 -8.93 26.31
CA PHE A 198 -25.73 -7.69 26.18
C PHE A 198 -26.40 -7.33 27.50
N THR A 199 -26.93 -6.11 27.59
CA THR A 199 -27.68 -5.66 28.78
C THR A 199 -29.18 -5.53 28.50
N GLU A 200 -29.54 -5.28 27.25
CA GLU A 200 -30.93 -5.18 26.84
C GLU A 200 -31.54 -6.57 26.69
N GLU A 201 -32.68 -6.78 27.38
CA GLU A 201 -33.34 -8.09 27.42
C GLU A 201 -33.76 -8.62 26.03
N SER A 202 -34.15 -7.71 25.15
CA SER A 202 -34.51 -8.07 23.78
C SER A 202 -33.30 -8.59 22.99
N ARG A 203 -32.13 -8.06 23.31
CA ARG A 203 -30.89 -8.44 22.63
C ARG A 203 -30.22 -9.67 23.24
N ILE A 204 -30.34 -9.80 24.56
CA ILE A 204 -29.94 -11.03 25.25
C ILE A 204 -30.69 -12.22 24.64
N LYS A 205 -31.99 -12.08 24.46
CA LYS A 205 -32.83 -13.11 23.87
C LYS A 205 -32.45 -13.43 22.41
N LYS A 206 -32.17 -12.39 21.63
CA LYS A 206 -31.79 -12.57 20.22
C LYS A 206 -30.46 -13.32 20.09
N LEU A 207 -29.49 -12.96 20.93
CA LEU A 207 -28.17 -13.62 20.96
C LEU A 207 -28.24 -15.09 21.39
N HIS A 208 -29.10 -15.36 22.38
CA HIS A 208 -29.31 -16.70 22.88
C HIS A 208 -29.98 -17.61 21.86
N LYS A 209 -30.92 -17.10 21.08
CA LYS A 209 -31.52 -17.89 20.01
C LYS A 209 -30.43 -18.28 19.01
N LEU A 210 -29.60 -17.30 18.65
CA LEU A 210 -28.54 -17.52 17.67
C LEU A 210 -27.52 -18.57 18.13
N LEU A 211 -27.09 -18.44 19.39
CA LEU A 211 -26.17 -19.41 20.00
C LEU A 211 -26.79 -20.80 20.18
N SER A 212 -28.12 -20.87 20.21
CA SER A 212 -28.78 -22.15 20.39
C SER A 212 -28.71 -23.03 19.15
N TYR A 213 -28.09 -22.52 18.08
CA TYR A 213 -27.84 -23.35 16.90
C TYR A 213 -26.55 -24.15 17.05
N ASN A 214 -25.89 -23.98 18.19
CA ASN A 214 -24.56 -24.55 18.40
C ASN A 214 -23.68 -24.14 17.22
N LEU A 215 -23.33 -22.86 17.20
CA LEU A 215 -22.59 -22.29 16.09
C LEU A 215 -21.22 -22.97 15.82
N PRO A 216 -20.46 -23.36 16.89
CA PRO A 216 -19.12 -23.94 16.66
C PRO A 216 -19.12 -25.30 15.97
N LEU A 217 -20.05 -26.18 16.34
CA LEU A 217 -20.29 -27.44 15.62
C LEU A 217 -20.72 -27.15 14.18
N GLU A 218 -21.74 -26.31 14.05
CA GLU A 218 -22.23 -25.91 12.74
C GLU A 218 -21.07 -25.42 11.84
N LEU A 219 -20.11 -24.69 12.41
CA LEU A 219 -18.95 -24.22 11.65
C LEU A 219 -18.07 -25.36 11.14
N GLU A 220 -17.91 -26.39 11.95
CA GLU A 220 -17.12 -27.56 11.57
C GLU A 220 -17.84 -28.45 10.55
N ASN A 221 -19.17 -28.55 10.62
CA ASN A 221 -19.94 -29.21 9.56
C ASN A 221 -19.72 -28.52 8.21
N LEU A 222 -19.77 -27.20 8.23
CA LEU A 222 -19.49 -26.38 7.06
C LEU A 222 -18.08 -26.57 6.56
N ARG A 223 -17.15 -26.72 7.49
CA ARG A 223 -15.76 -26.91 7.13
C ARG A 223 -15.54 -28.25 6.40
N SER A 224 -16.17 -29.32 6.89
CA SER A 224 -16.17 -30.61 6.21
C SER A 224 -16.77 -30.51 4.80
N LEU A 225 -17.96 -29.90 4.70
CA LEU A 225 -18.62 -29.73 3.41
C LEU A 225 -17.75 -28.97 2.42
N LEU A 226 -17.17 -27.85 2.86
CA LEU A 226 -16.50 -26.96 1.93
C LEU A 226 -15.11 -27.41 1.52
N GLU A 227 -14.37 -28.01 2.45
CA GLU A 227 -13.02 -28.53 2.16
C GLU A 227 -13.00 -29.73 1.21
N SER A 228 -14.15 -30.35 1.00
CA SER A 228 -14.30 -31.45 0.06
C SER A 228 -14.99 -31.01 -1.24
N THR A 229 -15.22 -29.70 -1.40
CA THR A 229 -15.81 -29.12 -2.61
C THR A 229 -14.70 -28.44 -3.43
N PRO A 230 -14.31 -29.01 -4.58
CA PRO A 230 -13.30 -28.34 -5.41
C PRO A 230 -13.74 -26.95 -5.86
N SER A 231 -12.86 -25.98 -5.67
CA SER A 231 -13.11 -24.60 -6.02
C SER A 231 -11.75 -23.95 -5.97
N PRO A 232 -11.26 -23.43 -7.11
CA PRO A 232 -9.92 -22.84 -7.19
C PRO A 232 -9.74 -21.61 -6.33
N VAL A 233 -8.52 -21.42 -5.85
CA VAL A 233 -8.15 -20.26 -5.07
C VAL A 233 -7.74 -19.14 -6.03
N VAL A 234 -8.44 -18.02 -5.93
CA VAL A 234 -8.28 -16.92 -6.85
C VAL A 234 -8.35 -15.66 -6.01
N PHE A 235 -7.87 -14.54 -6.55
CA PHE A 235 -7.99 -13.30 -5.82
C PHE A 235 -9.45 -12.83 -5.87
N CYS A 236 -10.07 -12.81 -4.69
CA CYS A 236 -11.49 -12.53 -4.54
C CYS A 236 -11.74 -11.20 -3.89
N HIS A 237 -12.70 -10.49 -4.45
N HIS A 237 -12.76 -10.53 -4.39
CA HIS A 237 -13.41 -9.46 -3.73
CA HIS A 237 -13.41 -9.40 -3.72
CA HIS A 237 -13.78 -9.36 -4.48
C HIS A 237 -14.27 -10.31 -2.82
C HIS A 237 -14.52 -10.07 -2.92
N ASN A 238 -14.57 -9.87 -1.62
CA ASN A 238 -15.42 -10.77 -0.83
C ASN A 238 -16.75 -10.18 -0.43
N ASP A 239 -17.17 -9.19 -1.21
CA ASP A 239 -18.29 -8.35 -0.86
C ASP A 239 -18.94 -7.74 -2.10
N CYS A 240 -19.05 -8.54 -3.16
CA CYS A 240 -19.60 -8.06 -4.43
C CYS A 240 -21.11 -7.87 -4.31
N GLN A 241 -21.47 -6.67 -3.89
CA GLN A 241 -22.84 -6.34 -3.52
C GLN A 241 -23.27 -5.13 -4.39
N GLU A 242 -24.57 -4.93 -4.54
CA GLU A 242 -25.15 -3.79 -5.27
C GLU A 242 -24.46 -2.46 -4.90
N GLY A 243 -24.35 -2.23 -3.60
CA GLY A 243 -23.76 -1.00 -3.07
C GLY A 243 -22.29 -0.83 -3.37
N ASN A 244 -21.63 -1.89 -3.85
CA ASN A 244 -20.22 -1.86 -4.21
C ASN A 244 -20.01 -1.98 -5.72
N ILE A 245 -21.08 -1.74 -6.48
CA ILE A 245 -21.01 -1.73 -7.93
C ILE A 245 -21.66 -0.44 -8.43
N LEU A 246 -20.90 0.28 -9.24
CA LEU A 246 -21.28 1.59 -9.73
C LEU A 246 -21.81 1.53 -11.16
N LEU A 247 -22.99 2.11 -11.39
CA LEU A 247 -23.48 2.31 -12.75
C LEU A 247 -22.89 3.64 -13.20
N LEU A 248 -22.00 3.57 -14.18
CA LEU A 248 -21.26 4.74 -14.63
C LEU A 248 -22.13 5.57 -15.56
N GLU A 249 -22.27 6.87 -15.27
CA GLU A 249 -23.11 7.73 -16.12
C GLU A 249 -22.37 8.12 -17.40
N GLY A 250 -23.08 8.05 -18.52
CA GLY A 250 -22.47 8.21 -19.85
C GLY A 250 -22.24 6.86 -20.50
N ARG A 251 -21.49 6.00 -19.81
CA ARG A 251 -21.29 4.61 -20.26
C ARG A 251 -22.58 3.81 -20.06
N GLU A 252 -23.68 4.51 -19.78
CA GLU A 252 -24.99 3.89 -19.51
C GLU A 252 -25.64 3.31 -20.77
N ASN A 253 -24.79 2.69 -21.60
CA ASN A 253 -25.18 2.02 -22.83
C ASN A 253 -24.25 0.81 -23.02
N SER A 254 -24.03 0.41 -24.28
CA SER A 254 -23.03 -0.63 -24.62
C SER A 254 -23.17 -1.90 -23.79
N LYS A 256 -22.38 -4.34 -21.77
CA LYS A 256 -21.02 -4.43 -21.23
C LYS A 256 -20.34 -3.06 -21.11
N GLN A 257 -19.39 -2.97 -20.18
CA GLN A 257 -18.66 -1.71 -19.88
C GLN A 257 -19.49 -0.58 -19.25
N LYS A 258 -20.64 -0.93 -18.67
CA LYS A 258 -21.46 0.01 -17.90
C LYS A 258 -20.96 0.17 -16.47
N LEU A 259 -20.31 -0.85 -15.92
CA LEU A 259 -20.10 -0.94 -14.47
C LEU A 259 -18.67 -0.82 -13.96
N MET A 260 -18.54 -0.44 -12.69
CA MET A 260 -17.27 -0.52 -12.00
C MET A 260 -17.44 -1.20 -10.64
N LEU A 261 -16.57 -2.16 -10.35
CA LEU A 261 -16.47 -2.77 -9.02
C LEU A 261 -15.60 -1.89 -8.13
N ILE A 262 -16.07 -1.65 -6.91
CA ILE A 262 -15.36 -0.84 -5.91
C ILE A 262 -15.39 -1.55 -4.55
N ASP A 263 -14.76 -0.92 -3.54
CA ASP A 263 -14.76 -1.38 -2.15
C ASP A 263 -14.14 -2.76 -1.94
N PHE A 264 -12.83 -2.81 -2.08
CA PHE A 264 -12.07 -4.04 -1.96
CA PHE A 264 -12.07 -4.04 -1.95
C PHE A 264 -11.51 -4.23 -0.54
N GLU A 265 -12.30 -3.84 0.46
CA GLU A 265 -11.88 -3.92 1.87
C GLU A 265 -11.68 -5.34 2.38
N TYR A 266 -12.56 -6.25 1.94
CA TYR A 266 -12.61 -7.62 2.43
C TYR A 266 -11.88 -8.60 1.51
N SER A 267 -11.33 -8.06 0.44
CA SER A 267 -10.63 -8.84 -0.58
C SER A 267 -9.48 -9.67 -0.05
N SER A 268 -9.17 -10.74 -0.78
CA SER A 268 -8.07 -11.62 -0.43
C SER A 268 -8.18 -12.77 -1.38
N TYR A 269 -7.12 -13.58 -1.45
CA TYR A 269 -7.19 -14.89 -2.05
C TYR A 269 -8.16 -15.75 -1.23
N ASN A 270 -9.01 -16.48 -1.94
CA ASN A 270 -10.13 -17.20 -1.34
C ASN A 270 -10.63 -18.23 -2.35
N TYR A 271 -11.57 -19.07 -1.97
CA TYR A 271 -12.19 -19.98 -2.93
C TYR A 271 -13.11 -19.20 -3.83
N ARG A 272 -12.95 -19.37 -5.13
CA ARG A 272 -13.83 -18.70 -6.11
C ARG A 272 -15.31 -18.89 -5.77
N GLY A 273 -15.65 -20.10 -5.34
CA GLY A 273 -17.03 -20.46 -5.03
C GLY A 273 -17.68 -19.44 -4.12
N PHE A 274 -16.89 -18.93 -3.17
CA PHE A 274 -17.39 -17.96 -2.22
C PHE A 274 -17.78 -16.67 -2.89
N ASP A 275 -16.91 -16.18 -3.78
CA ASP A 275 -17.16 -14.91 -4.42
C ASP A 275 -18.46 -14.89 -5.22
N ILE A 276 -18.79 -16.00 -5.88
CA ILE A 276 -20.01 -16.06 -6.70
C ILE A 276 -21.23 -16.34 -5.83
N GLY A 277 -21.12 -17.35 -4.96
CA GLY A 277 -22.13 -17.63 -3.94
C GLY A 277 -22.56 -16.42 -3.11
N ASN A 278 -21.59 -15.63 -2.66
CA ASN A 278 -21.89 -14.42 -1.90
C ASN A 278 -22.69 -13.45 -2.75
N HIS A 279 -22.30 -13.31 -4.01
CA HIS A 279 -23.02 -12.45 -4.90
C HIS A 279 -24.49 -12.87 -5.08
N PHE A 280 -24.73 -14.17 -5.34
CA PHE A 280 -26.08 -14.74 -5.41
C PHE A 280 -26.92 -14.43 -4.14
N CYS A 281 -26.33 -14.57 -2.96
CA CYS A 281 -27.02 -14.23 -1.69
C CYS A 281 -27.46 -12.77 -1.68
N GLU A 282 -26.68 -11.91 -2.33
CA GLU A 282 -26.97 -10.48 -2.36
C GLU A 282 -28.23 -10.08 -3.14
N TRP A 283 -28.77 -10.99 -3.92
CA TRP A 283 -30.06 -10.79 -4.58
C TRP A 283 -31.17 -10.72 -3.55
N MET A 284 -30.94 -11.31 -2.37
CA MET A 284 -31.99 -11.43 -1.37
C MET A 284 -32.05 -10.25 -0.42
N TYR A 285 -31.01 -9.41 -0.41
CA TYR A 285 -30.87 -8.36 0.62
C TYR A 285 -30.77 -6.98 0.05
N ASP A 286 -31.59 -6.11 0.60
CA ASP A 286 -31.73 -4.72 0.18
C ASP A 286 -31.45 -3.85 1.39
N TYR A 287 -30.39 -3.04 1.31
CA TYR A 287 -29.92 -2.24 2.44
C TYR A 287 -30.38 -0.78 2.41
N SER A 288 -31.33 -0.48 1.53
CA SER A 288 -31.84 0.88 1.34
C SER A 288 -33.15 1.10 2.11
N TYR A 289 -33.65 0.08 2.78
CA TYR A 289 -34.86 0.21 3.58
C TYR A 289 -34.70 1.30 4.63
N GLU A 290 -35.75 2.10 4.77
CA GLU A 290 -35.68 3.39 5.46
C GLU A 290 -35.94 3.26 6.94
N LYS A 291 -36.79 2.32 7.32
CA LYS A 291 -37.16 2.07 8.71
C LYS A 291 -36.33 0.94 9.31
N TYR A 292 -36.35 0.84 10.64
CA TYR A 292 -35.73 -0.27 11.34
C TYR A 292 -36.32 -1.59 10.84
N PRO A 293 -35.47 -2.62 10.60
CA PRO A 293 -34.03 -2.76 10.83
C PRO A 293 -33.05 -2.25 9.76
N PHE A 294 -33.56 -1.50 8.77
CA PHE A 294 -32.76 -0.87 7.70
C PHE A 294 -32.25 -1.87 6.63
N PHE A 295 -32.98 -2.97 6.52
CA PHE A 295 -32.79 -3.93 5.45
C PHE A 295 -34.07 -4.74 5.26
N ARG A 296 -34.17 -5.38 4.11
CA ARG A 296 -35.21 -6.35 3.82
C ARG A 296 -34.54 -7.59 3.27
N ALA A 297 -35.01 -8.75 3.75
CA ALA A 297 -34.52 -10.04 3.30
C ALA A 297 -35.64 -10.73 2.52
N ASN A 298 -35.36 -11.17 1.30
CA ASN A 298 -36.36 -11.91 0.49
C ASN A 298 -35.80 -13.16 -0.16
N ILE A 299 -35.97 -14.29 0.52
CA ILE A 299 -35.38 -15.58 0.16
C ILE A 299 -35.78 -16.06 -1.26
N ARG A 300 -36.93 -15.60 -1.72
CA ARG A 300 -37.48 -16.01 -3.02
C ARG A 300 -36.93 -15.15 -4.15
N LYS A 301 -36.02 -14.24 -3.79
CA LYS A 301 -35.28 -13.41 -4.75
C LYS A 301 -33.88 -13.94 -5.09
N TYR A 302 -33.44 -14.99 -4.40
CA TYR A 302 -32.26 -15.75 -4.78
C TYR A 302 -32.40 -16.23 -6.21
N PRO A 303 -31.30 -16.18 -7.00
CA PRO A 303 -31.42 -16.48 -8.43
C PRO A 303 -31.89 -17.92 -8.74
N THR A 304 -32.71 -18.08 -9.76
CA THR A 304 -33.13 -19.42 -10.17
C THR A 304 -31.92 -20.12 -10.80
N LYS A 305 -32.04 -21.43 -11.02
CA LYS A 305 -30.98 -22.20 -11.68
C LYS A 305 -30.71 -21.63 -13.07
N LYS A 306 -31.77 -21.27 -13.78
CA LYS A 306 -31.61 -20.60 -15.07
C LYS A 306 -30.92 -19.24 -14.94
N GLN A 307 -31.21 -18.50 -13.88
CA GLN A 307 -30.54 -17.21 -13.66
C GLN A 307 -29.07 -17.38 -13.25
N GLN A 308 -28.78 -18.42 -12.46
CA GLN A 308 -27.42 -18.79 -12.10
C GLN A 308 -26.62 -19.25 -13.33
N LEU A 309 -27.24 -20.05 -14.20
CA LEU A 309 -26.61 -20.53 -15.40
C LEU A 309 -26.29 -19.42 -16.39
N HIS A 310 -27.18 -18.42 -16.47
CA HIS A 310 -26.92 -17.25 -17.32
C HIS A 310 -25.74 -16.43 -16.82
N PHE A 311 -25.61 -16.32 -15.50
CA PHE A 311 -24.48 -15.63 -14.89
C PHE A 311 -23.22 -16.42 -15.16
N ILE A 312 -23.20 -17.71 -14.85
CA ILE A 312 -21.96 -18.50 -15.03
C ILE A 312 -21.60 -18.71 -16.50
N SER A 313 -22.57 -18.56 -17.40
CA SER A 313 -22.30 -18.58 -18.85
C SER A 313 -21.46 -17.41 -19.35
N SER A 314 -21.43 -16.32 -18.59
CA SER A 314 -20.59 -15.17 -18.94
C SER A 314 -19.30 -15.17 -18.13
N TYR A 315 -19.38 -15.67 -16.89
CA TYR A 315 -18.21 -15.89 -16.07
C TYR A 315 -17.17 -16.78 -16.76
N LEU A 316 -17.60 -17.97 -17.19
CA LEU A 316 -16.67 -19.00 -17.64
C LEU A 316 -15.81 -18.63 -18.85
N PRO A 317 -16.41 -18.20 -19.98
CA PRO A 317 -15.59 -17.79 -21.13
C PRO A 317 -14.59 -16.71 -20.75
N ALA A 318 -14.97 -15.84 -19.83
CA ALA A 318 -14.07 -14.75 -19.41
C ALA A 318 -13.01 -15.21 -18.42
N PHE A 319 -13.27 -16.31 -17.72
CA PHE A 319 -12.30 -16.79 -16.73
C PHE A 319 -11.34 -17.81 -17.33
N GLN A 320 -11.81 -18.54 -18.34
CA GLN A 320 -11.07 -19.66 -18.90
C GLN A 320 -11.07 -19.58 -20.44
N ASN A 321 -9.93 -19.14 -20.98
CA ASN A 321 -9.75 -18.90 -22.43
C ASN A 321 -10.31 -19.99 -23.34
N ASP A 322 -10.15 -21.25 -22.93
CA ASP A 322 -10.47 -22.39 -23.80
C ASP A 322 -11.82 -23.03 -23.51
N PHE A 323 -12.68 -22.31 -22.79
CA PHE A 323 -14.02 -22.78 -22.46
C PHE A 323 -14.96 -22.83 -23.67
N GLU A 324 -15.03 -21.73 -24.44
CA GLU A 324 -15.94 -21.64 -25.58
C GLU A 324 -15.58 -22.64 -26.70
N ASN A 325 -14.39 -23.24 -26.59
CA ASN A 325 -13.90 -24.25 -27.55
C ASN A 325 -14.24 -25.70 -27.15
N LEU A 326 -14.64 -25.91 -25.89
CA LEU A 326 -15.10 -27.22 -25.45
C LEU A 326 -16.44 -27.54 -26.13
N SER A 327 -16.79 -28.82 -26.17
CA SER A 327 -18.10 -29.22 -26.72
C SER A 327 -19.22 -28.81 -25.76
N THR A 328 -20.42 -28.69 -26.30
CA THR A 328 -21.60 -28.32 -25.52
C THR A 328 -21.79 -29.24 -24.31
N GLU A 329 -21.54 -30.54 -24.51
CA GLU A 329 -21.61 -31.55 -23.46
C GLU A 329 -20.58 -31.34 -22.34
N GLU A 330 -19.33 -31.08 -22.72
CA GLU A 330 -18.28 -30.79 -21.75
C GLU A 330 -18.51 -29.47 -21.02
N LYS A 331 -19.02 -28.47 -21.75
CA LYS A 331 -19.42 -27.19 -21.16
C LYS A 331 -20.49 -27.37 -20.07
N SER A 332 -21.52 -28.15 -20.37
CA SER A 332 -22.62 -28.37 -19.45
C SER A 332 -22.21 -29.16 -18.21
N ILE A 333 -21.27 -30.10 -18.37
CA ILE A 333 -20.69 -30.81 -17.24
C ILE A 333 -19.98 -29.82 -16.30
N ILE A 334 -19.18 -28.93 -16.86
CA ILE A 334 -18.52 -27.89 -16.06
C ILE A 334 -19.54 -27.00 -15.35
N LYS A 335 -20.56 -26.55 -16.09
CA LYS A 335 -21.58 -25.66 -15.55
C LYS A 335 -22.35 -26.28 -14.38
N GLU A 336 -22.71 -27.56 -14.51
CA GLU A 336 -23.42 -28.27 -13.45
C GLU A 336 -22.54 -28.48 -12.19
N GLU A 337 -21.25 -28.75 -12.39
CA GLU A 337 -20.34 -28.92 -11.27
C GLU A 337 -20.18 -27.58 -10.55
N MET A 338 -20.16 -26.50 -11.33
CA MET A 338 -20.05 -25.16 -10.78
C MET A 338 -21.28 -24.72 -10.01
N LEU A 339 -22.49 -25.10 -10.46
CA LEU A 339 -23.69 -24.81 -9.69
C LEU A 339 -23.69 -25.49 -8.32
N LEU A 340 -23.27 -26.76 -8.26
CA LEU A 340 -23.04 -27.41 -6.96
C LEU A 340 -22.04 -26.66 -6.06
N GLU A 341 -20.91 -26.26 -6.66
CA GLU A 341 -19.86 -25.53 -5.97
C GLU A 341 -20.35 -24.23 -5.32
N VAL A 342 -20.95 -23.34 -6.12
CA VAL A 342 -21.24 -22.00 -5.64
C VAL A 342 -22.38 -21.97 -4.65
N ASN A 343 -23.34 -22.87 -4.82
CA ASN A 343 -24.46 -22.96 -3.90
C ASN A 343 -24.08 -23.52 -2.53
N ARG A 344 -23.05 -24.37 -2.49
CA ARG A 344 -22.46 -24.83 -1.22
C ARG A 344 -21.69 -23.72 -0.53
N PHE A 345 -20.82 -23.05 -1.29
CA PHE A 345 -20.08 -21.89 -0.80
C PHE A 345 -20.97 -20.67 -0.45
N ALA A 346 -22.17 -20.60 -1.06
CA ALA A 346 -23.22 -19.67 -0.64
C ALA A 346 -23.56 -19.77 0.86
N LEU A 347 -23.49 -20.97 1.41
CA LEU A 347 -23.77 -21.18 2.82
C LEU A 347 -22.76 -20.49 3.72
N ALA A 348 -21.54 -20.35 3.21
CA ALA A 348 -20.45 -19.72 3.94
C ALA A 348 -20.65 -18.21 3.97
N SER A 349 -21.33 -17.69 2.96
CA SER A 349 -21.73 -16.30 2.95
C SER A 349 -22.70 -15.99 4.11
N HIS A 350 -23.78 -16.77 4.24
CA HIS A 350 -24.72 -16.63 5.35
C HIS A 350 -24.02 -16.76 6.69
N PHE A 351 -23.22 -17.82 6.84
CA PHE A 351 -22.51 -18.09 8.09
C PHE A 351 -21.53 -16.96 8.47
N LEU A 352 -20.61 -16.63 7.56
CA LEU A 352 -19.67 -15.52 7.77
C LEU A 352 -20.33 -14.17 8.02
N TRP A 353 -21.30 -13.75 7.19
CA TRP A 353 -21.86 -12.43 7.40
C TRP A 353 -22.80 -12.40 8.61
N GLY A 354 -23.46 -13.54 8.89
CA GLY A 354 -24.21 -13.70 10.14
C GLY A 354 -23.33 -13.43 11.36
N LEU A 355 -22.18 -14.10 11.44
CA LEU A 355 -21.22 -13.90 12.54
C LEU A 355 -20.69 -12.47 12.64
N TRP A 356 -20.28 -11.93 11.49
CA TRP A 356 -19.85 -10.54 11.35
C TRP A 356 -20.86 -9.59 11.98
N SER A 357 -22.13 -9.82 11.68
CA SER A 357 -23.19 -8.90 12.08
C SER A 357 -23.34 -8.88 13.60
N ILE A 358 -23.16 -10.04 14.23
CA ILE A 358 -23.27 -10.15 15.70
C ILE A 358 -22.16 -9.33 16.35
N VAL A 359 -20.95 -9.47 15.81
CA VAL A 359 -19.80 -8.71 16.25
C VAL A 359 -20.05 -7.20 16.09
N GLN A 360 -20.64 -6.81 14.95
CA GLN A 360 -20.94 -5.41 14.66
C GLN A 360 -21.98 -4.83 15.63
N ALA A 361 -22.93 -5.64 16.04
CA ALA A 361 -23.88 -5.23 17.09
C ALA A 361 -23.19 -4.74 18.37
N LYS A 362 -21.90 -5.02 18.53
CA LYS A 362 -21.10 -4.45 19.62
C LYS A 362 -20.30 -3.22 19.21
N ILE A 363 -19.59 -3.31 18.09
CA ILE A 363 -18.51 -2.37 17.79
C ILE A 363 -18.81 -1.33 16.70
N SER A 364 -19.96 -1.44 16.05
CA SER A 364 -20.29 -0.55 14.93
C SER A 364 -20.98 0.75 15.36
N SER A 365 -20.56 1.85 14.73
CA SER A 365 -21.16 3.17 14.92
C SER A 365 -22.37 3.41 14.01
N ILE A 366 -22.48 2.58 12.97
CA ILE A 366 -23.51 2.70 11.94
C ILE A 366 -24.85 2.18 12.45
N GLU A 367 -25.92 2.97 12.28
CA GLU A 367 -27.27 2.55 12.64
C GLU A 367 -27.83 1.54 11.61
N PHE A 368 -28.04 0.31 12.06
CA PHE A 368 -28.48 -0.80 11.21
C PHE A 368 -28.86 -1.93 12.16
N GLY A 369 -29.92 -2.68 11.84
CA GLY A 369 -30.38 -3.78 12.69
C GLY A 369 -29.50 -5.02 12.60
N TYR A 370 -28.33 -4.94 13.22
CA TYR A 370 -27.30 -5.99 13.10
C TYR A 370 -27.73 -7.37 13.60
N MET A 371 -28.46 -7.41 14.72
CA MET A 371 -28.93 -8.67 15.28
C MET A 371 -29.99 -9.30 14.37
N ASP A 372 -30.98 -8.49 14.01
CA ASP A 372 -32.01 -8.91 13.07
C ASP A 372 -31.43 -9.41 11.75
N TYR A 373 -30.33 -8.79 11.30
CA TYR A 373 -29.64 -9.19 10.07
C TYR A 373 -28.90 -10.53 10.23
N ALA A 374 -28.18 -10.69 11.33
CA ALA A 374 -27.57 -11.99 11.67
C ALA A 374 -28.57 -13.15 11.62
N GLN A 375 -29.70 -12.99 12.29
CA GLN A 375 -30.79 -13.98 12.27
C GLN A 375 -31.34 -14.22 10.86
N ALA A 376 -31.39 -13.16 10.05
CA ALA A 376 -31.84 -13.30 8.66
C ALA A 376 -30.85 -14.16 7.88
N ARG A 377 -29.55 -13.93 8.08
CA ARG A 377 -28.52 -14.74 7.44
C ARG A 377 -28.62 -16.21 7.84
N PHE A 378 -28.86 -16.47 9.12
CA PHE A 378 -28.94 -17.85 9.61
C PHE A 378 -30.25 -18.56 9.24
N ASP A 379 -31.35 -17.82 9.19
CA ASP A 379 -32.57 -18.34 8.57
C ASP A 379 -32.24 -18.88 7.17
N ALA A 380 -31.64 -18.04 6.33
CA ALA A 380 -31.30 -18.45 4.97
C ALA A 380 -30.29 -19.60 4.97
N TYR A 381 -29.37 -19.60 5.94
CA TYR A 381 -28.38 -20.67 6.04
C TYR A 381 -29.04 -22.04 6.18
N PHE A 382 -30.00 -22.15 7.11
CA PHE A 382 -30.65 -23.44 7.37
C PHE A 382 -31.64 -23.83 6.29
N HIS A 383 -32.34 -22.85 5.76
CA HIS A 383 -33.28 -23.07 4.67
C HIS A 383 -32.53 -23.66 3.46
N GLN A 384 -31.39 -23.08 3.09
CA GLN A 384 -30.64 -23.52 1.91
C GLN A 384 -29.92 -24.83 2.14
N LYS A 385 -29.39 -25.03 3.35
CA LYS A 385 -28.82 -26.32 3.73
C LYS A 385 -29.86 -27.44 3.58
N ARG A 386 -31.11 -27.17 3.97
CA ARG A 386 -32.24 -28.08 3.74
C ARG A 386 -32.43 -28.49 2.28
N LYS A 387 -32.65 -27.51 1.39
CA LYS A 387 -32.89 -27.81 -0.02
C LYS A 387 -31.73 -28.59 -0.68
N LEU A 388 -30.50 -28.29 -0.28
CA LEU A 388 -29.33 -28.97 -0.80
C LEU A 388 -29.18 -30.39 -0.25
N GLY A 389 -29.64 -30.60 0.99
CA GLY A 389 -29.48 -31.87 1.68
C GLY A 389 -28.03 -32.19 2.01
N VAL A 390 -27.25 -31.15 2.28
CA VAL A 390 -25.80 -31.25 2.47
C VAL A 390 -25.30 -30.18 3.42
N GLN B 33 27.20 -15.39 4.38
CA GLN B 33 26.36 -16.03 3.35
C GLN B 33 25.08 -16.59 3.97
N PRO B 34 25.16 -17.79 4.54
CA PRO B 34 24.02 -18.47 5.18
C PRO B 34 23.39 -17.60 6.28
N GLU B 35 22.07 -17.38 6.18
CA GLU B 35 21.33 -16.59 7.17
C GLU B 35 21.29 -17.26 8.54
N PRO B 36 20.81 -16.54 9.56
CA PRO B 36 20.67 -17.08 10.91
C PRO B 36 19.59 -18.18 10.96
N ARG B 37 19.72 -19.08 11.93
CA ARG B 37 18.82 -20.24 12.12
C ARG B 37 17.34 -20.04 11.73
N THR B 38 16.82 -18.82 11.88
CA THR B 38 15.51 -18.49 11.31
C THR B 38 15.60 -17.98 9.84
N ARG B 39 16.15 -18.85 8.99
CA ARG B 39 15.91 -18.86 7.54
C ARG B 39 14.48 -19.37 7.33
N ARG B 40 13.93 -19.91 8.42
CA ARG B 40 12.62 -20.54 8.45
C ARG B 40 11.50 -19.57 8.16
N ARG B 41 11.61 -18.35 8.69
CA ARG B 41 10.63 -17.30 8.42
C ARG B 41 10.65 -16.92 6.94
N ALA B 42 11.85 -16.82 6.38
CA ALA B 42 12.04 -16.53 4.96
C ALA B 42 11.36 -17.60 4.12
N TYR B 43 11.62 -18.86 4.49
CA TYR B 43 11.05 -20.02 3.84
C TYR B 43 9.53 -19.95 3.81
N LEU B 44 8.94 -19.72 4.98
CA LEU B 44 7.49 -19.72 5.15
C LEU B 44 6.81 -18.61 4.36
N TRP B 45 7.48 -17.44 4.28
CA TRP B 45 7.01 -16.31 3.49
C TRP B 45 7.03 -16.62 2.00
N CYS B 46 8.12 -17.23 1.53
CA CYS B 46 8.25 -17.59 0.11
C CYS B 46 7.21 -18.64 -0.28
N LYS B 47 7.17 -19.73 0.48
CA LYS B 47 6.19 -20.78 0.29
C LYS B 47 4.74 -20.25 0.17
N GLU B 48 4.39 -19.24 0.97
CA GLU B 48 3.02 -18.75 1.03
C GLU B 48 2.65 -17.66 0.02
N PHE B 49 3.61 -16.79 -0.31
CA PHE B 49 3.35 -15.66 -1.18
C PHE B 49 3.66 -15.91 -2.65
N LEU B 50 4.53 -16.88 -2.92
CA LEU B 50 4.98 -17.14 -4.28
C LEU B 50 4.29 -18.36 -4.89
N PRO B 51 3.84 -18.26 -6.15
CA PRO B 51 3.09 -19.35 -6.80
C PRO B 51 4.02 -20.40 -7.40
N GLY B 52 3.43 -21.42 -8.03
CA GLY B 52 4.22 -22.39 -8.80
C GLY B 52 5.06 -23.34 -7.98
N ALA B 53 6.32 -23.49 -8.38
CA ALA B 53 7.27 -24.39 -7.73
C ALA B 53 7.44 -24.08 -6.23
N TRP B 54 7.20 -22.82 -5.86
CA TRP B 54 7.42 -22.35 -4.49
C TRP B 54 6.46 -23.01 -3.49
N ARG B 55 5.22 -23.17 -3.93
CA ARG B 55 4.16 -23.84 -3.18
C ARG B 55 4.57 -25.22 -2.65
N GLY B 56 5.26 -25.99 -3.49
CA GLY B 56 5.63 -27.36 -3.15
C GLY B 56 7.10 -27.55 -2.80
N LEU B 57 7.75 -26.46 -2.40
CA LEU B 57 9.17 -26.52 -2.01
C LEU B 57 9.30 -26.95 -0.55
N ARG B 58 10.24 -27.85 -0.30
CA ARG B 58 10.56 -28.31 1.06
C ARG B 58 11.61 -27.41 1.69
N GLU B 59 11.54 -27.25 3.01
CA GLU B 59 12.49 -26.38 3.72
C GLU B 59 13.94 -26.79 3.45
N ASP B 60 14.15 -28.09 3.17
CA ASP B 60 15.49 -28.61 2.93
C ASP B 60 16.00 -28.28 1.51
N GLU B 61 15.09 -27.95 0.60
CA GLU B 61 15.49 -27.54 -0.75
C GLU B 61 15.36 -26.02 -1.00
N PHE B 62 15.39 -25.26 0.10
CA PHE B 62 15.30 -23.81 0.07
C PHE B 62 16.70 -23.21 0.12
N HIS B 63 17.02 -22.34 -0.83
CA HIS B 63 18.32 -21.66 -0.87
C HIS B 63 18.17 -20.20 -0.50
N ILE B 64 19.02 -19.72 0.41
CA ILE B 64 19.00 -18.33 0.87
C ILE B 64 20.38 -17.84 1.34
N SER B 65 20.67 -16.57 1.11
CA SER B 65 21.89 -15.94 1.65
C SER B 65 21.68 -14.45 1.97
N VAL B 66 22.42 -13.94 2.96
CA VAL B 66 22.36 -12.54 3.35
C VAL B 66 23.09 -11.63 2.36
N ILE B 67 22.55 -10.43 2.15
CA ILE B 67 23.21 -9.38 1.36
C ILE B 67 23.52 -8.22 2.30
N ARG B 68 24.79 -7.82 2.34
CA ARG B 68 25.33 -7.08 3.49
C ARG B 68 25.29 -5.53 3.50
N GLY B 69 25.00 -4.88 2.37
CA GLY B 69 25.15 -3.42 2.25
C GLY B 69 24.39 -2.41 3.10
N GLY B 70 23.09 -2.64 3.33
CA GLY B 70 22.22 -1.63 3.94
C GLY B 70 22.45 -1.35 5.42
N LEU B 71 22.01 -0.18 5.85
CA LEU B 71 22.20 0.28 7.24
C LEU B 71 20.88 0.56 7.95
N SER B 72 19.77 0.30 7.26
CA SER B 72 18.43 0.38 7.83
C SER B 72 17.83 -1.02 7.91
N ASN B 73 17.62 -1.62 6.74
CA ASN B 73 16.94 -2.89 6.63
C ASN B 73 17.92 -4.04 6.37
N MET B 74 17.46 -5.26 6.62
CA MET B 74 18.19 -6.48 6.27
C MET B 74 17.68 -7.04 4.96
N LEU B 75 18.57 -7.63 4.17
CA LEU B 75 18.21 -8.09 2.83
C LEU B 75 18.75 -9.48 2.53
N PHE B 76 17.92 -10.29 1.88
CA PHE B 76 18.26 -11.69 1.57
C PHE B 76 17.88 -12.02 0.14
N GLN B 77 18.65 -12.93 -0.46
CA GLN B 77 18.28 -13.54 -1.73
C GLN B 77 17.78 -14.96 -1.47
N CYS B 78 16.58 -15.24 -1.96
CA CYS B 78 15.96 -16.56 -1.84
C CYS B 78 15.81 -17.20 -3.20
N SER B 79 16.12 -18.49 -3.30
CA SER B 79 16.07 -19.18 -4.59
C SER B 79 15.54 -20.63 -4.57
N LEU B 80 14.93 -21.03 -5.68
CA LEU B 80 14.65 -22.43 -5.97
C LEU B 80 15.98 -23.12 -6.30
N PRO B 81 16.05 -24.45 -6.09
CA PRO B 81 17.24 -25.20 -6.55
C PRO B 81 17.37 -25.19 -8.07
N ASP B 82 18.61 -25.24 -8.57
CA ASP B 82 18.83 -25.31 -10.02
C ASP B 82 18.11 -26.50 -10.66
N THR B 83 18.18 -27.64 -9.97
CA THR B 83 17.52 -28.88 -10.38
C THR B 83 15.99 -28.72 -10.46
N THR B 84 15.44 -27.82 -9.65
CA THR B 84 13.99 -27.58 -9.65
C THR B 84 13.60 -26.70 -10.83
N ALA B 85 12.59 -27.14 -11.56
CA ALA B 85 12.09 -26.41 -12.72
C ALA B 85 10.77 -25.75 -12.38
N THR B 86 10.56 -24.57 -12.95
CA THR B 86 9.37 -23.76 -12.70
C THR B 86 8.12 -24.35 -13.35
N LEU B 87 6.95 -24.07 -12.75
CA LEU B 87 5.68 -24.44 -13.33
C LEU B 87 5.12 -23.25 -14.13
N GLY B 88 6.03 -22.47 -14.71
CA GLY B 88 5.69 -21.36 -15.58
C GLY B 88 6.15 -19.98 -15.13
N ASP B 89 5.17 -19.12 -14.88
CA ASP B 89 5.38 -17.69 -14.64
C ASP B 89 6.41 -17.31 -13.57
N GLU B 90 6.36 -18.02 -12.43
CA GLU B 90 7.06 -17.62 -11.19
C GLU B 90 8.57 -17.33 -11.31
N PRO B 91 9.10 -16.39 -10.47
CA PRO B 91 10.53 -16.08 -10.38
C PRO B 91 11.36 -17.19 -9.70
N ARG B 92 12.58 -17.41 -10.18
CA ARG B 92 13.47 -18.44 -9.64
C ARG B 92 14.24 -17.93 -8.41
N LYS B 93 14.41 -16.62 -8.35
CA LYS B 93 15.08 -15.96 -7.24
C LYS B 93 14.31 -14.70 -6.91
N VAL B 94 14.25 -14.38 -5.62
CA VAL B 94 13.55 -13.19 -5.17
C VAL B 94 14.40 -12.53 -4.11
N LEU B 95 14.02 -11.31 -3.74
CA LEU B 95 14.64 -10.58 -2.64
C LEU B 95 13.67 -10.43 -1.50
N LEU B 96 14.10 -10.81 -0.30
CA LEU B 96 13.34 -10.54 0.90
C LEU B 96 13.96 -9.35 1.64
N ARG B 97 13.21 -8.26 1.72
CA ARG B 97 13.63 -7.09 2.46
C ARG B 97 12.85 -7.01 3.76
N LEU B 98 13.58 -6.97 4.88
CA LEU B 98 12.97 -6.87 6.20
C LEU B 98 13.25 -5.51 6.82
N TYR B 99 12.19 -4.82 7.24
CA TYR B 99 12.28 -3.49 7.83
C TYR B 99 13.11 -3.49 9.12
N GLY B 100 13.73 -2.35 9.42
CA GLY B 100 14.80 -2.29 10.41
C GLY B 100 14.47 -2.01 11.87
N ALA B 101 13.61 -1.02 12.11
CA ALA B 101 13.29 -0.51 13.46
C ALA B 101 12.65 0.85 13.28
N ILE B 102 13.42 1.79 12.73
CA ILE B 102 12.91 3.02 12.14
C ILE B 102 12.28 2.66 10.79
N GLU B 108 2.29 3.91 10.23
CA GLU B 108 2.02 5.19 9.58
C GLU B 108 2.89 5.41 8.35
N ALA B 109 4.21 5.32 8.53
CA ALA B 109 5.17 5.34 7.41
C ALA B 109 5.33 3.95 6.80
N MET B 110 4.89 2.93 7.54
CA MET B 110 4.82 1.55 7.07
C MET B 110 3.84 1.40 5.91
N VAL B 111 2.75 2.16 5.98
CA VAL B 111 1.74 2.25 4.91
C VAL B 111 2.32 2.93 3.68
N LEU B 112 2.91 4.11 3.88
CA LEU B 112 3.44 4.90 2.78
C LEU B 112 4.54 4.19 2.03
N GLU B 113 5.39 3.48 2.78
CA GLU B 113 6.49 2.68 2.21
C GLU B 113 5.98 1.63 1.21
N SER B 114 4.94 0.90 1.63
CA SER B 114 4.32 -0.19 0.86
C SER B 114 3.61 0.31 -0.39
N VAL B 115 2.73 1.29 -0.18
CA VAL B 115 1.99 1.97 -1.24
C VAL B 115 2.95 2.57 -2.28
N MET B 116 4.05 3.15 -1.81
CA MET B 116 5.07 3.71 -2.68
C MET B 116 5.74 2.62 -3.53
N PHE B 117 6.21 1.55 -2.90
CA PHE B 117 6.79 0.43 -3.67
C PHE B 117 5.80 -0.12 -4.70
N ALA B 118 4.55 -0.29 -4.26
CA ALA B 118 3.51 -0.85 -5.11
C ALA B 118 3.29 0.02 -6.35
N ILE B 119 3.14 1.33 -6.12
CA ILE B 119 2.93 2.30 -7.20
C ILE B 119 4.08 2.32 -8.23
N LEU B 120 5.31 2.30 -7.73
CA LEU B 120 6.49 2.31 -8.58
C LEU B 120 6.63 1.02 -9.40
N ALA B 121 6.31 -0.11 -8.78
CA ALA B 121 6.26 -1.38 -9.49
C ALA B 121 5.22 -1.35 -10.62
N GLU B 122 4.05 -0.80 -10.34
CA GLU B 122 2.99 -0.69 -11.35
C GLU B 122 3.39 0.24 -12.48
N ARG B 123 4.22 1.24 -12.17
CA ARG B 123 4.66 2.20 -13.19
C ARG B 123 5.93 1.75 -13.94
N SER B 124 6.57 0.71 -13.43
CA SER B 124 7.85 0.20 -13.96
C SER B 124 9.02 1.09 -13.55
N LEU B 125 8.86 1.74 -12.40
CA LEU B 125 9.91 2.58 -11.84
C LEU B 125 10.62 1.91 -10.65
N GLY B 126 10.40 0.61 -10.51
CA GLY B 126 11.00 -0.19 -9.45
C GLY B 126 10.76 -1.67 -9.73
N PRO B 127 11.37 -2.54 -8.91
CA PRO B 127 11.17 -4.00 -9.02
C PRO B 127 9.71 -4.39 -8.76
N LYS B 128 9.26 -5.50 -9.34
CA LYS B 128 7.92 -6.00 -9.08
C LYS B 128 7.73 -6.39 -7.60
N LEU B 129 6.50 -6.24 -7.13
CA LEU B 129 6.13 -6.62 -5.77
C LEU B 129 5.50 -8.00 -5.75
N TYR B 130 6.09 -8.92 -5.00
CA TYR B 130 5.61 -10.30 -4.99
C TYR B 130 4.86 -10.65 -3.71
N GLY B 131 5.27 -10.03 -2.62
CA GLY B 131 4.69 -10.29 -1.33
C GLY B 131 4.82 -9.06 -0.50
N ILE B 132 3.77 -8.76 0.25
CA ILE B 132 3.79 -7.67 1.21
C ILE B 132 3.15 -8.14 2.52
N PHE B 133 3.87 -7.93 3.61
CA PHE B 133 3.48 -8.37 4.94
C PHE B 133 4.08 -7.36 5.95
N PRO B 134 3.56 -7.32 7.20
CA PRO B 134 4.00 -6.30 8.17
C PRO B 134 5.53 -6.11 8.35
N GLN B 135 6.29 -7.20 8.40
CA GLN B 135 7.72 -7.11 8.71
C GLN B 135 8.62 -6.91 7.47
N GLY B 136 8.02 -6.80 6.28
CA GLY B 136 8.81 -6.59 5.08
C GLY B 136 8.11 -6.93 3.78
N ARG B 137 8.90 -7.33 2.77
CA ARG B 137 8.33 -7.72 1.49
C ARG B 137 9.23 -8.62 0.64
N LEU B 138 8.61 -9.30 -0.33
CA LEU B 138 9.32 -10.07 -1.33
C LEU B 138 9.25 -9.30 -2.63
N GLU B 139 10.42 -9.07 -3.23
CA GLU B 139 10.45 -8.29 -4.46
C GLU B 139 11.32 -8.91 -5.54
N GLN B 140 11.04 -8.53 -6.78
CA GLN B 140 11.79 -9.00 -7.92
C GLN B 140 13.29 -8.80 -7.67
N PHE B 141 14.04 -9.88 -7.87
CA PHE B 141 15.48 -9.78 -7.91
C PHE B 141 15.85 -9.27 -9.31
N ILE B 142 16.39 -8.05 -9.40
CA ILE B 142 16.85 -7.49 -10.69
C ILE B 142 18.35 -7.76 -10.88
N PRO B 143 18.72 -8.50 -11.96
CA PRO B 143 20.12 -8.71 -12.34
C PRO B 143 20.86 -7.39 -12.58
N SER B 144 21.85 -7.13 -11.74
CA SER B 144 22.49 -5.82 -11.61
C SER B 144 23.49 -5.84 -10.46
N ARG B 145 24.11 -4.69 -10.22
CA ARG B 145 24.90 -4.46 -9.00
C ARG B 145 24.71 -3.01 -8.52
N ARG B 146 25.01 -2.78 -7.25
CA ARG B 146 24.98 -1.44 -6.70
C ARG B 146 26.17 -0.65 -7.25
N LEU B 147 26.05 0.68 -7.26
CA LEU B 147 27.18 1.53 -7.60
C LEU B 147 28.18 1.59 -6.46
N ASP B 148 29.44 1.87 -6.80
CA ASP B 148 30.48 2.17 -5.81
C ASP B 148 30.54 3.67 -5.57
N THR B 149 30.92 4.06 -4.36
CA THR B 149 31.12 5.47 -4.02
C THR B 149 31.84 6.25 -5.14
N GLU B 150 33.00 5.74 -5.58
CA GLU B 150 33.81 6.40 -6.63
C GLU B 150 33.07 6.59 -7.98
N GLU B 151 32.07 5.76 -8.24
CA GLU B 151 31.34 5.82 -9.51
C GLU B 151 30.37 6.99 -9.60
N LEU B 152 30.03 7.60 -8.47
CA LEU B 152 29.11 8.73 -8.41
C LEU B 152 29.62 9.97 -9.16
N SER B 153 30.95 10.07 -9.26
CA SER B 153 31.59 11.20 -9.91
C SER B 153 31.83 11.02 -11.41
N LEU B 154 31.60 9.80 -11.92
CA LEU B 154 31.73 9.57 -13.36
C LEU B 154 30.66 10.39 -14.09
N PRO B 155 31.08 11.24 -15.05
CA PRO B 155 30.19 12.19 -15.70
C PRO B 155 28.92 11.58 -16.31
N ASP B 156 29.03 10.39 -16.89
CA ASP B 156 27.87 9.70 -17.46
C ASP B 156 26.92 9.17 -16.38
N ILE B 157 27.50 8.57 -15.34
CA ILE B 157 26.75 8.09 -14.19
C ILE B 157 26.03 9.26 -13.52
N SER B 158 26.78 10.34 -13.30
CA SER B 158 26.28 11.52 -12.61
C SER B 158 25.11 12.19 -13.36
N ALA B 159 25.25 12.35 -14.68
CA ALA B 159 24.19 12.92 -15.51
C ALA B 159 22.86 12.16 -15.41
N GLU B 160 22.92 10.83 -15.40
CA GLU B 160 21.73 10.00 -15.37
C GLU B 160 21.05 10.03 -14.00
N ILE B 161 21.84 9.94 -12.94
CA ILE B 161 21.32 10.10 -11.60
C ILE B 161 20.50 11.38 -11.52
N ALA B 162 20.99 12.43 -12.18
CA ALA B 162 20.34 13.74 -12.19
C ALA B 162 19.06 13.71 -13.01
N GLU B 163 19.12 13.13 -14.21
CA GLU B 163 17.93 13.01 -15.05
C GLU B 163 16.88 12.15 -14.34
N LYS B 164 17.30 11.00 -13.80
CA LYS B 164 16.45 10.14 -12.97
C LYS B 164 15.76 10.88 -11.81
N MET B 165 16.56 11.58 -11.00
CA MET B 165 16.06 12.32 -9.84
C MET B 165 15.06 13.40 -10.26
N ALA B 166 15.31 14.01 -11.41
CA ALA B 166 14.47 15.06 -11.95
C ALA B 166 13.08 14.56 -12.29
N THR B 167 13.00 13.38 -12.92
CA THR B 167 11.72 12.80 -13.31
C THR B 167 10.95 12.27 -12.11
N PHE B 168 11.65 11.72 -11.11
CA PHE B 168 10.99 11.38 -9.84
C PHE B 168 10.42 12.66 -9.20
N HIS B 169 11.18 13.75 -9.23
CA HIS B 169 10.75 15.00 -8.62
C HIS B 169 9.48 15.57 -9.24
N GLY B 170 9.21 15.21 -10.49
CA GLY B 170 8.00 15.66 -11.18
C GLY B 170 6.78 14.75 -11.07
N MET B 171 6.84 13.75 -10.19
CA MET B 171 5.74 12.81 -10.00
C MET B 171 4.71 13.29 -8.98
N LYS B 172 3.45 12.93 -9.22
CA LYS B 172 2.36 13.14 -8.24
C LYS B 172 2.14 11.87 -7.43
N MET B 173 2.10 12.01 -6.10
CA MET B 173 1.97 10.87 -5.20
C MET B 173 0.93 11.16 -4.13
N PRO B 174 0.21 10.12 -3.67
CA PRO B 174 -0.92 10.31 -2.75
C PRO B 174 -0.50 10.55 -1.31
N PHE B 175 0.46 11.44 -1.09
CA PHE B 175 0.94 11.76 0.25
C PHE B 175 0.82 13.24 0.55
N ASN B 176 1.13 13.60 1.79
CA ASN B 176 1.10 14.99 2.23
C ASN B 176 2.07 15.90 1.46
N LYS B 177 1.52 16.96 0.88
CA LYS B 177 2.26 17.88 0.03
C LYS B 177 3.00 18.99 0.81
N GLU B 178 2.78 19.05 2.13
CA GLU B 178 3.47 19.99 2.99
C GLU B 178 4.86 19.45 3.36
N PRO B 179 5.90 20.32 3.30
CA PRO B 179 7.27 19.89 3.57
C PRO B 179 7.58 19.77 5.05
N LYS B 180 6.86 18.88 5.72
CA LYS B 180 7.03 18.64 7.15
C LYS B 180 8.08 17.57 7.44
N TRP B 181 8.43 16.79 6.42
CA TRP B 181 9.34 15.65 6.61
C TRP B 181 10.69 16.05 7.19
N LEU B 182 11.33 17.05 6.59
CA LEU B 182 12.70 17.42 6.97
C LEU B 182 12.85 17.75 8.47
N PHE B 183 12.09 18.73 8.96
CA PHE B 183 12.22 19.14 10.35
C PHE B 183 11.40 18.29 11.32
N GLY B 184 10.26 17.75 10.86
CA GLY B 184 9.51 16.76 11.62
C GLY B 184 10.44 15.62 12.04
N THR B 185 11.17 15.08 11.06
CA THR B 185 12.12 13.98 11.28
C THR B 185 13.27 14.38 12.20
N MET B 186 13.80 15.59 12.06
CA MET B 186 14.92 16.04 12.91
C MET B 186 14.49 16.26 14.36
N GLU B 187 13.36 16.94 14.55
CA GLU B 187 12.74 17.08 15.88
C GLU B 187 12.43 15.72 16.51
N LYS B 188 12.08 14.74 15.67
CA LYS B 188 11.80 13.35 16.12
C LYS B 188 13.04 12.63 16.62
N TYR B 189 14.10 12.61 15.80
CA TYR B 189 15.36 11.97 16.20
C TYR B 189 16.02 12.68 17.37
N LEU B 190 15.86 14.00 17.44
CA LEU B 190 16.45 14.77 18.53
C LEU B 190 15.78 14.45 19.86
N LYS B 191 14.45 14.42 19.87
CA LYS B 191 13.68 14.06 21.06
C LYS B 191 14.16 12.74 21.67
N GLU B 192 14.48 11.78 20.80
CA GLU B 192 15.00 10.47 21.22
C GLU B 192 16.48 10.54 21.62
N VAL B 193 17.26 11.36 20.91
CA VAL B 193 18.68 11.52 21.19
C VAL B 193 18.93 12.09 22.60
N LEU B 194 18.01 12.96 23.04
CA LEU B 194 18.12 13.58 24.36
C LEU B 194 17.57 12.67 25.46
N ARG B 195 16.94 11.57 25.06
CA ARG B 195 16.39 10.59 26.00
C ARG B 195 17.29 9.37 26.19
N ILE B 196 18.10 9.03 25.19
CA ILE B 196 18.91 7.80 25.24
C ILE B 196 20.13 7.87 26.18
N LYS B 197 20.41 6.75 26.84
CA LYS B 197 21.56 6.61 27.73
C LYS B 197 22.30 5.31 27.45
N PHE B 198 23.63 5.38 27.37
CA PHE B 198 24.47 4.23 27.00
C PHE B 198 25.12 3.53 28.18
N THR B 199 25.17 2.20 28.12
CA THR B 199 25.78 1.37 29.15
C THR B 199 27.31 1.40 29.07
N GLU B 200 27.86 1.27 27.87
CA GLU B 200 29.31 1.23 27.68
C GLU B 200 29.96 2.61 27.80
N GLU B 201 31.16 2.63 28.37
CA GLU B 201 31.84 3.89 28.75
C GLU B 201 32.37 4.74 27.58
N SER B 202 32.87 4.08 26.53
CA SER B 202 33.41 4.80 25.38
C SER B 202 32.31 5.47 24.55
N ARG B 203 31.11 4.90 24.59
CA ARG B 203 29.95 5.46 23.89
C ARG B 203 29.18 6.47 24.75
N ILE B 204 29.56 6.58 26.03
CA ILE B 204 29.08 7.63 26.93
C ILE B 204 29.84 8.92 26.64
N LYS B 205 31.14 8.79 26.45
CA LYS B 205 32.01 9.92 26.13
C LYS B 205 31.65 10.50 24.76
N LYS B 206 31.47 9.61 23.78
CA LYS B 206 31.16 10.02 22.41
C LYS B 206 29.87 10.82 22.30
N LEU B 207 28.84 10.40 23.02
CA LEU B 207 27.54 11.09 23.04
C LEU B 207 27.60 12.43 23.77
N HIS B 208 28.32 12.46 24.90
CA HIS B 208 28.50 13.67 25.68
C HIS B 208 29.09 14.76 24.79
N LYS B 209 30.12 14.39 24.03
CA LYS B 209 30.79 15.27 23.05
C LYS B 209 29.84 15.82 22.00
N LEU B 210 29.00 14.95 21.45
CA LEU B 210 28.03 15.34 20.44
C LEU B 210 26.95 16.27 21.00
N LEU B 211 26.58 16.06 22.26
CA LEU B 211 25.56 16.86 22.93
C LEU B 211 26.08 18.23 23.32
N SER B 212 27.40 18.35 23.43
CA SER B 212 28.04 19.62 23.81
C SER B 212 28.13 20.63 22.65
N TYR B 213 27.55 20.27 21.49
CA TYR B 213 27.33 21.20 20.39
C TYR B 213 26.03 22.00 20.51
N ASN B 214 25.26 21.75 21.58
CA ASN B 214 23.90 22.29 21.76
C ASN B 214 22.98 22.06 20.55
N LEU B 215 22.73 20.78 20.26
CA LEU B 215 21.94 20.39 19.10
C LEU B 215 20.52 20.99 19.03
N PRO B 216 19.80 21.09 20.18
CA PRO B 216 18.51 21.79 20.13
C PRO B 216 18.59 23.21 19.58
N LEU B 217 19.66 23.92 19.92
CA LEU B 217 19.85 25.32 19.48
C LEU B 217 20.37 25.40 18.06
N GLU B 218 21.28 24.49 17.71
CA GLU B 218 21.85 24.44 16.38
C GLU B 218 20.80 24.05 15.33
N LEU B 219 19.76 23.35 15.76
CA LEU B 219 18.66 22.97 14.89
C LEU B 219 17.83 24.20 14.50
N GLU B 220 17.66 25.11 15.47
CA GLU B 220 16.95 26.36 15.23
C GLU B 220 17.79 27.30 14.37
N ASN B 221 19.10 27.22 14.53
CA ASN B 221 20.04 27.91 13.64
C ASN B 221 19.82 27.43 12.24
N LEU B 222 19.87 26.11 12.07
CA LEU B 222 19.65 25.45 10.79
C LEU B 222 18.29 25.78 10.18
N ARG B 223 17.24 25.76 11.01
CA ARG B 223 15.89 26.11 10.56
C ARG B 223 15.80 27.52 9.97
N SER B 224 16.38 28.49 10.67
CA SER B 224 16.38 29.89 10.25
C SER B 224 17.06 30.09 8.90
N LEU B 225 18.18 29.40 8.71
CA LEU B 225 18.94 29.52 7.48
C LEU B 225 18.17 28.96 6.28
N LEU B 226 17.49 27.84 6.50
CA LEU B 226 16.80 27.16 5.41
C LEU B 226 15.45 27.79 5.10
N GLU B 227 14.87 28.46 6.08
CA GLU B 227 13.56 29.11 5.94
C GLU B 227 13.59 30.19 4.85
N SER B 228 14.69 30.93 4.81
CA SER B 228 14.87 32.00 3.84
C SER B 228 15.60 31.53 2.57
N THR B 229 15.68 30.21 2.38
CA THR B 229 16.26 29.63 1.18
C THR B 229 15.15 29.04 0.30
N PRO B 230 14.81 29.71 -0.81
CA PRO B 230 13.82 29.19 -1.76
C PRO B 230 14.21 27.82 -2.29
N SER B 231 13.25 26.89 -2.27
CA SER B 231 13.45 25.54 -2.80
C SER B 231 12.11 24.87 -3.08
N PRO B 232 11.89 24.45 -4.34
CA PRO B 232 10.63 23.79 -4.74
C PRO B 232 10.32 22.53 -3.94
N VAL B 233 9.08 22.39 -3.48
CA VAL B 233 8.63 21.16 -2.83
C VAL B 233 8.24 20.16 -3.91
N VAL B 234 8.92 19.01 -3.89
CA VAL B 234 8.73 17.94 -4.85
C VAL B 234 8.74 16.62 -4.12
N PHE B 235 8.28 15.55 -4.77
CA PHE B 235 8.43 14.21 -4.23
C PHE B 235 9.92 13.81 -4.20
N CYS B 236 10.46 13.64 -3.00
CA CYS B 236 11.89 13.37 -2.83
C CYS B 236 12.17 11.93 -2.41
N HIS B 237 13.28 11.39 -2.92
CA HIS B 237 13.71 10.05 -2.59
C HIS B 237 14.27 10.04 -1.18
N ASN B 238 15.06 11.09 -0.87
CA ASN B 238 15.64 11.35 0.47
C ASN B 238 16.82 10.51 0.92
N ASP B 239 17.25 9.57 0.08
CA ASP B 239 18.35 8.66 0.45
C ASP B 239 19.06 8.16 -0.81
N CYS B 240 19.34 9.09 -1.73
CA CYS B 240 19.96 8.75 -3.01
C CYS B 240 21.49 8.57 -2.92
N GLN B 241 21.91 7.44 -2.36
CA GLN B 241 23.31 7.05 -2.27
C GLN B 241 23.61 5.94 -3.29
N GLU B 242 24.89 5.72 -3.53
CA GLU B 242 25.34 4.66 -4.47
C GLU B 242 24.72 3.28 -4.18
N GLY B 243 24.36 3.03 -2.92
CA GLY B 243 23.83 1.73 -2.50
C GLY B 243 22.37 1.53 -2.87
N ASN B 244 21.70 2.63 -3.19
CA ASN B 244 20.30 2.63 -3.62
C ASN B 244 20.20 2.97 -5.09
N ILE B 245 21.26 2.68 -5.85
CA ILE B 245 21.27 2.86 -7.31
C ILE B 245 21.87 1.62 -7.93
N LEU B 246 21.10 0.99 -8.81
CA LEU B 246 21.52 -0.22 -9.50
C LEU B 246 22.02 0.08 -10.90
N LEU B 247 23.19 -0.47 -11.22
CA LEU B 247 23.67 -0.52 -12.58
C LEU B 247 23.09 -1.79 -13.17
N LEU B 248 22.24 -1.65 -14.18
CA LEU B 248 21.54 -2.78 -14.78
C LEU B 248 22.44 -3.59 -15.73
N GLU B 249 22.41 -4.91 -15.57
CA GLU B 249 23.17 -5.82 -16.44
C GLU B 249 22.72 -5.77 -17.88
N GLY B 250 23.69 -5.87 -18.80
CA GLY B 250 23.46 -5.79 -20.23
C GLY B 250 23.05 -4.40 -20.71
N ARG B 251 23.68 -3.37 -20.15
CA ARG B 251 23.39 -1.98 -20.49
C ARG B 251 24.64 -1.10 -20.38
N GLN B 257 20.41 5.57 -19.64
CA GLN B 257 19.47 4.52 -19.24
C GLN B 257 20.11 3.25 -18.58
N LYS B 258 21.29 3.42 -17.97
CA LYS B 258 22.02 2.32 -17.31
C LYS B 258 21.50 2.00 -15.91
N LEU B 259 20.82 2.96 -15.28
CA LEU B 259 20.63 2.94 -13.83
C LEU B 259 19.18 2.84 -13.38
N MET B 260 18.97 2.35 -12.16
CA MET B 260 17.66 2.37 -11.54
C MET B 260 17.73 2.80 -10.08
N LEU B 261 16.96 3.84 -9.74
CA LEU B 261 16.80 4.27 -8.36
C LEU B 261 15.93 3.28 -7.62
N ILE B 262 16.39 2.84 -6.46
CA ILE B 262 15.64 1.91 -5.63
C ILE B 262 15.57 2.33 -4.13
N ASP B 263 14.82 1.55 -3.35
CA ASP B 263 14.68 1.70 -1.89
C ASP B 263 14.13 3.05 -1.48
N PHE B 264 12.85 3.27 -1.76
CA PHE B 264 12.19 4.52 -1.46
C PHE B 264 11.65 4.62 -0.01
N GLU B 265 12.36 4.03 0.96
CA GLU B 265 11.92 4.01 2.37
C GLU B 265 11.74 5.37 3.04
N TYR B 266 12.63 6.32 2.73
CA TYR B 266 12.65 7.63 3.38
C TYR B 266 11.94 8.69 2.55
N SER B 267 11.47 8.30 1.38
CA SER B 267 10.81 9.21 0.47
C SER B 267 9.62 9.94 1.09
N SER B 268 9.37 11.14 0.56
CA SER B 268 8.27 12.00 1.00
C SER B 268 8.30 13.28 0.17
N TYR B 269 7.28 14.12 0.33
CA TYR B 269 7.38 15.49 -0.15
C TYR B 269 8.36 16.27 0.75
N ASN B 270 9.23 17.06 0.10
CA ASN B 270 10.39 17.66 0.77
C ASN B 270 10.98 18.70 -0.16
N TYR B 271 11.85 19.55 0.37
CA TYR B 271 12.54 20.57 -0.42
C TYR B 271 13.48 19.90 -1.43
N ARG B 272 13.41 20.32 -2.68
CA ARG B 272 14.24 19.73 -3.75
C ARG B 272 15.73 19.78 -3.40
N GLY B 273 16.14 20.90 -2.79
CA GLY B 273 17.52 21.13 -2.37
C GLY B 273 18.09 20.03 -1.50
N PHE B 274 17.25 19.44 -0.65
CA PHE B 274 17.74 18.38 0.24
C PHE B 274 18.12 17.12 -0.51
N ASP B 275 17.31 16.75 -1.49
CA ASP B 275 17.56 15.52 -2.24
C ASP B 275 18.92 15.62 -2.94
N ILE B 276 19.16 16.76 -3.61
CA ILE B 276 20.40 16.99 -4.34
C ILE B 276 21.58 17.24 -3.40
N GLY B 277 21.36 18.07 -2.39
CA GLY B 277 22.36 18.29 -1.35
C GLY B 277 22.82 17.00 -0.69
N ASN B 278 21.85 16.14 -0.35
CA ASN B 278 22.13 14.83 0.25
C ASN B 278 22.97 13.94 -0.65
N HIS B 279 22.62 13.92 -1.94
CA HIS B 279 23.37 13.14 -2.93
C HIS B 279 24.83 13.59 -3.07
N PHE B 280 25.06 14.89 -2.94
CA PHE B 280 26.40 15.48 -3.01
C PHE B 280 27.25 15.04 -1.81
N CYS B 281 26.64 15.02 -0.63
CA CYS B 281 27.28 14.53 0.59
C CYS B 281 27.71 13.07 0.47
N GLU B 282 26.91 12.29 -0.26
CA GLU B 282 27.16 10.86 -0.43
C GLU B 282 28.44 10.51 -1.18
N TRP B 283 28.96 11.48 -1.94
CA TRP B 283 30.26 11.34 -2.61
C TRP B 283 31.40 11.14 -1.63
N MET B 284 31.24 11.67 -0.42
CA MET B 284 32.28 11.62 0.63
C MET B 284 32.29 10.31 1.45
N TYR B 285 31.21 9.52 1.36
CA TYR B 285 31.01 8.38 2.28
C TYR B 285 30.90 7.02 1.62
N ASP B 286 31.76 6.12 2.11
CA ASP B 286 31.89 4.79 1.57
C ASP B 286 31.53 3.74 2.64
N TYR B 287 30.41 3.06 2.44
CA TYR B 287 29.91 2.10 3.42
C TYR B 287 30.36 0.66 3.16
N SER B 288 31.38 0.50 2.32
CA SER B 288 31.87 -0.83 1.96
C SER B 288 33.21 -1.17 2.61
N TYR B 289 33.69 -0.30 3.49
CA TYR B 289 34.87 -0.60 4.30
C TYR B 289 34.57 -1.81 5.20
N GLU B 290 35.55 -2.71 5.29
CA GLU B 290 35.33 -4.05 5.85
C GLU B 290 35.89 -4.20 7.27
N LYS B 291 36.56 -3.15 7.73
CA LYS B 291 37.06 -3.07 9.10
C LYS B 291 36.34 -1.91 9.82
N TYR B 292 36.34 -1.97 11.15
CA TYR B 292 35.67 -0.96 11.97
C TYR B 292 36.16 0.46 11.63
N PRO B 293 35.24 1.46 11.55
CA PRO B 293 33.80 1.46 11.85
C PRO B 293 32.90 1.06 10.69
N PHE B 294 33.49 0.49 9.65
CA PHE B 294 32.77 -0.01 8.46
C PHE B 294 32.23 1.10 7.55
N PHE B 295 32.88 2.27 7.64
CA PHE B 295 32.68 3.36 6.70
C PHE B 295 33.96 4.18 6.60
N ARG B 296 34.16 4.80 5.44
CA ARG B 296 35.24 5.78 5.26
C ARG B 296 34.65 7.10 4.81
N ALA B 297 35.03 8.17 5.52
CA ALA B 297 34.71 9.54 5.12
C ALA B 297 35.92 10.21 4.46
N ASN B 298 35.74 10.65 3.21
CA ASN B 298 36.74 11.46 2.53
C ASN B 298 36.19 12.83 2.15
N ILE B 299 36.47 13.80 3.01
CA ILE B 299 35.97 15.16 2.88
C ILE B 299 36.43 15.83 1.57
N ARG B 300 37.54 15.38 1.02
CA ARG B 300 38.07 15.90 -0.24
C ARG B 300 37.30 15.43 -1.48
N LYS B 301 36.29 14.59 -1.30
CA LYS B 301 35.57 13.98 -2.43
C LYS B 301 34.24 14.62 -2.74
N TYR B 302 33.91 15.69 -2.03
CA TYR B 302 32.69 16.44 -2.29
C TYR B 302 32.79 16.97 -3.73
N PRO B 303 31.67 16.95 -4.48
CA PRO B 303 31.76 17.44 -5.85
C PRO B 303 32.28 18.87 -5.91
N THR B 304 33.20 19.10 -6.84
CA THR B 304 33.68 20.44 -7.15
C THR B 304 32.51 21.23 -7.74
N LYS B 305 32.66 22.54 -7.84
CA LYS B 305 31.64 23.39 -8.47
C LYS B 305 31.43 22.97 -9.93
N LYS B 306 32.52 22.54 -10.59
CA LYS B 306 32.48 22.02 -11.94
C LYS B 306 31.56 20.81 -12.02
N GLN B 307 31.77 19.86 -11.11
CA GLN B 307 30.99 18.61 -11.06
C GLN B 307 29.53 18.85 -10.61
N GLN B 308 29.35 19.77 -9.68
CA GLN B 308 28.03 20.24 -9.26
C GLN B 308 27.28 20.86 -10.42
N LEU B 309 27.96 21.71 -11.18
CA LEU B 309 27.37 22.32 -12.38
C LEU B 309 27.04 21.30 -13.46
N HIS B 310 27.86 20.28 -13.61
CA HIS B 310 27.61 19.25 -14.60
C HIS B 310 26.32 18.48 -14.26
N PHE B 311 26.13 18.20 -12.96
CA PHE B 311 24.97 17.48 -12.45
C PHE B 311 23.69 18.26 -12.69
N ILE B 312 23.67 19.53 -12.28
CA ILE B 312 22.45 20.32 -12.36
C ILE B 312 22.15 20.74 -13.81
N SER B 313 23.18 20.86 -14.63
CA SER B 313 23.01 21.02 -16.08
C SER B 313 22.30 19.84 -16.76
N SER B 314 22.22 18.69 -16.08
CA SER B 314 21.48 17.52 -16.58
C SER B 314 20.13 17.40 -15.89
N TYR B 315 20.13 17.69 -14.60
CA TYR B 315 18.90 17.78 -13.83
C TYR B 315 17.87 18.75 -14.43
N LEU B 316 18.31 19.97 -14.75
CA LEU B 316 17.43 21.06 -15.11
C LEU B 316 16.60 20.84 -16.39
N PRO B 317 17.25 20.54 -17.54
CA PRO B 317 16.48 20.25 -18.76
C PRO B 317 15.48 19.09 -18.61
N ALA B 318 15.70 18.23 -17.62
CA ALA B 318 14.80 17.11 -17.37
C ALA B 318 13.67 17.44 -16.37
N PHE B 319 13.79 18.55 -15.65
CA PHE B 319 12.81 18.93 -14.62
C PHE B 319 11.97 20.13 -15.04
N GLN B 320 12.55 20.98 -15.86
CA GLN B 320 11.93 22.21 -16.35
C GLN B 320 11.78 22.07 -17.87
N ASN B 321 10.54 22.08 -18.36
CA ASN B 321 10.25 21.92 -19.80
C ASN B 321 10.92 22.99 -20.66
N ASP B 322 10.85 24.24 -20.21
CA ASP B 322 11.41 25.39 -20.93
C ASP B 322 12.93 25.33 -21.11
N PHE B 323 13.62 24.76 -20.13
CA PHE B 323 15.02 25.09 -19.83
C PHE B 323 15.98 25.41 -20.98
N GLU B 324 16.22 24.44 -21.87
CA GLU B 324 17.28 24.63 -22.87
C GLU B 324 16.99 25.73 -23.90
N ASN B 325 15.73 26.17 -23.98
CA ASN B 325 15.35 27.30 -24.81
C ASN B 325 15.70 28.67 -24.22
N LEU B 326 15.95 28.72 -22.91
CA LEU B 326 16.20 29.98 -22.20
C LEU B 326 17.50 30.65 -22.64
N SER B 327 17.61 31.94 -22.38
CA SER B 327 18.81 32.70 -22.68
C SER B 327 19.99 32.23 -21.84
N THR B 328 21.20 32.41 -22.36
CA THR B 328 22.43 32.08 -21.64
C THR B 328 22.49 32.75 -20.27
N GLU B 329 22.26 34.07 -20.25
CA GLU B 329 22.18 34.85 -19.02
C GLU B 329 21.23 34.25 -17.99
N GLU B 330 20.04 33.87 -18.42
CA GLU B 330 19.01 33.31 -17.52
C GLU B 330 19.36 31.93 -16.98
N LYS B 331 19.96 31.09 -17.82
CA LYS B 331 20.38 29.74 -17.44
C LYS B 331 21.48 29.74 -16.37
N SER B 332 22.42 30.68 -16.48
CA SER B 332 23.45 30.86 -15.47
C SER B 332 22.86 31.30 -14.14
N ILE B 333 21.89 32.21 -14.17
CA ILE B 333 21.23 32.70 -12.96
C ILE B 333 20.55 31.57 -12.19
N ILE B 334 19.84 30.71 -12.92
CA ILE B 334 19.13 29.59 -12.33
C ILE B 334 20.10 28.58 -11.71
N LYS B 335 21.15 28.24 -12.46
CA LYS B 335 22.20 27.32 -12.03
C LYS B 335 22.96 27.83 -10.80
N GLU B 336 23.35 29.11 -10.84
CA GLU B 336 24.05 29.74 -9.72
C GLU B 336 23.16 29.83 -8.46
N GLU B 337 21.88 30.14 -8.65
CA GLU B 337 20.93 30.08 -7.53
C GLU B 337 20.74 28.66 -7.00
N MET B 338 20.66 27.69 -7.90
CA MET B 338 20.58 26.29 -7.51
C MET B 338 21.83 25.82 -6.75
N LEU B 339 23.00 26.29 -7.15
CA LEU B 339 24.24 25.94 -6.45
C LEU B 339 24.21 26.33 -4.99
N LEU B 340 23.79 27.57 -4.70
CA LEU B 340 23.58 28.04 -3.32
C LEU B 340 22.50 27.26 -2.57
N GLU B 341 21.38 27.01 -3.26
CA GLU B 341 20.27 26.25 -2.70
C GLU B 341 20.69 24.87 -2.19
N VAL B 342 21.37 24.10 -3.03
CA VAL B 342 21.70 22.73 -2.67
C VAL B 342 22.79 22.60 -1.58
N ASN B 343 23.74 23.53 -1.57
CA ASN B 343 24.84 23.51 -0.59
C ASN B 343 24.41 23.97 0.80
N ARG B 344 23.37 24.80 0.86
CA ARG B 344 22.70 25.12 2.13
C ARG B 344 21.89 23.93 2.68
N PHE B 345 21.20 23.22 1.76
CA PHE B 345 20.43 22.04 2.15
C PHE B 345 21.30 20.83 2.47
N ALA B 346 22.51 20.79 1.92
CA ALA B 346 23.50 19.79 2.31
C ALA B 346 23.77 19.77 3.81
N LEU B 347 23.58 20.93 4.47
CA LEU B 347 23.71 21.05 5.92
C LEU B 347 22.63 20.26 6.68
N ALA B 348 21.42 20.21 6.12
CA ALA B 348 20.35 19.39 6.65
C ALA B 348 20.67 17.89 6.52
N SER B 349 21.30 17.48 5.40
CA SER B 349 21.77 16.11 5.25
C SER B 349 22.72 15.68 6.37
N HIS B 350 23.69 16.52 6.73
CA HIS B 350 24.65 16.18 7.78
C HIS B 350 23.98 16.11 9.16
N PHE B 351 23.14 17.10 9.45
CA PHE B 351 22.44 17.19 10.72
C PHE B 351 21.41 16.04 10.88
N LEU B 352 20.54 15.86 9.88
CA LEU B 352 19.55 14.77 9.89
C LEU B 352 20.18 13.39 10.08
N TRP B 353 21.20 13.07 9.29
CA TRP B 353 21.80 11.73 9.37
C TRP B 353 22.72 11.56 10.57
N GLY B 354 23.21 12.69 11.10
CA GLY B 354 24.00 12.67 12.32
C GLY B 354 23.14 12.20 13.49
N LEU B 355 21.95 12.77 13.61
CA LEU B 355 21.00 12.37 14.66
C LEU B 355 20.51 10.92 14.48
N TRP B 356 19.92 10.62 13.32
CA TRP B 356 19.59 9.25 12.88
C TRP B 356 20.62 8.25 13.35
N SER B 357 21.90 8.53 13.04
CA SER B 357 23.01 7.64 13.37
C SER B 357 23.24 7.47 14.87
N ILE B 358 22.77 8.42 15.67
CA ILE B 358 22.88 8.31 17.12
C ILE B 358 21.75 7.40 17.63
N VAL B 359 20.54 7.65 17.12
CA VAL B 359 19.38 6.80 17.39
C VAL B 359 19.69 5.34 17.03
N GLN B 360 20.38 5.12 15.91
CA GLN B 360 20.71 3.77 15.45
C GLN B 360 21.73 3.08 16.35
N ALA B 361 22.50 3.86 17.10
CA ALA B 361 23.52 3.32 18.00
C ALA B 361 22.92 2.63 19.25
N LYS B 362 21.63 2.89 19.51
CA LYS B 362 20.93 2.30 20.65
C LYS B 362 19.88 1.26 20.21
N ILE B 363 19.38 1.39 18.98
CA ILE B 363 18.27 0.55 18.51
C ILE B 363 18.56 -0.34 17.28
N SER B 364 19.71 -0.18 16.63
CA SER B 364 20.01 -0.97 15.44
C SER B 364 20.85 -2.22 15.69
N SER B 365 20.51 -3.28 14.97
CA SER B 365 21.16 -4.58 15.11
C SER B 365 22.19 -4.86 14.00
N ILE B 366 22.43 -3.87 13.14
CA ILE B 366 23.39 -4.00 12.04
C ILE B 366 24.81 -3.68 12.53
N GLU B 367 25.79 -4.43 12.03
CA GLU B 367 27.20 -4.21 12.39
C GLU B 367 27.77 -2.96 11.69
N PHE B 368 27.85 -1.86 12.44
CA PHE B 368 28.25 -0.55 11.92
C PHE B 368 28.68 0.40 13.03
N GLY B 369 29.58 1.34 12.72
CA GLY B 369 30.05 2.31 13.70
C GLY B 369 29.18 3.54 13.75
N TYR B 370 27.92 3.36 14.15
CA TYR B 370 26.92 4.43 14.22
C TYR B 370 27.35 5.70 14.97
N MET B 371 28.08 5.55 16.08
CA MET B 371 28.55 6.71 16.84
C MET B 371 29.68 7.46 16.10
N ASP B 372 30.66 6.72 15.61
CA ASP B 372 31.70 7.25 14.72
C ASP B 372 31.12 7.94 13.47
N TYR B 373 30.07 7.36 12.90
CA TYR B 373 29.41 7.95 11.74
C TYR B 373 28.76 9.28 12.08
N ALA B 374 28.13 9.35 13.25
CA ALA B 374 27.47 10.55 13.70
C ALA B 374 28.46 11.70 13.93
N GLN B 375 29.64 11.40 14.45
CA GLN B 375 30.68 12.42 14.63
C GLN B 375 31.16 12.94 13.27
N ALA B 376 31.34 12.03 12.31
CA ALA B 376 31.78 12.38 10.97
C ALA B 376 30.81 13.34 10.26
N ARG B 377 29.52 13.11 10.45
CA ARG B 377 28.49 13.94 9.83
C ARG B 377 28.44 15.34 10.45
N PHE B 378 28.53 15.41 11.78
CA PHE B 378 28.58 16.70 12.48
C PHE B 378 29.91 17.42 12.28
N ASP B 379 31.00 16.67 12.12
CA ASP B 379 32.26 17.25 11.68
C ASP B 379 32.06 17.94 10.31
N ALA B 380 31.44 17.23 9.38
CA ALA B 380 31.22 17.77 8.02
C ALA B 380 30.24 18.96 7.98
N TYR B 381 29.39 19.05 9.00
CA TYR B 381 28.34 20.06 9.10
C TYR B 381 28.93 21.42 9.43
N PHE B 382 29.78 21.46 10.45
CA PHE B 382 30.48 22.69 10.82
C PHE B 382 31.49 23.08 9.73
N HIS B 383 32.16 22.08 9.17
CA HIS B 383 33.08 22.28 8.03
C HIS B 383 32.35 23.03 6.92
N GLN B 384 31.19 22.52 6.51
CA GLN B 384 30.38 23.11 5.44
C GLN B 384 29.77 24.47 5.83
N LYS B 385 29.39 24.62 7.09
CA LYS B 385 28.83 25.87 7.58
C LYS B 385 29.86 27.01 7.44
N ARG B 386 31.13 26.67 7.70
CA ARG B 386 32.24 27.59 7.47
C ARG B 386 32.45 27.92 5.99
N LYS B 387 32.55 26.89 5.14
CA LYS B 387 32.73 27.08 3.70
C LYS B 387 31.71 28.04 3.11
N LEU B 388 30.50 28.05 3.68
CA LEU B 388 29.43 28.91 3.22
C LEU B 388 29.48 30.31 3.82
N GLY B 389 30.25 30.46 4.89
CA GLY B 389 30.37 31.75 5.58
C GLY B 389 29.16 32.04 6.44
N VAL B 390 28.27 31.06 6.55
CA VAL B 390 27.11 31.16 7.41
C VAL B 390 27.52 30.70 8.82
#